data_4C9B
#
_entry.id   4C9B
#
_cell.length_a   56.290
_cell.length_b   108.720
_cell.length_c   61.370
_cell.angle_alpha   90.00
_cell.angle_beta   99.94
_cell.angle_gamma   90.00
#
_symmetry.space_group_name_H-M   'P 1 21 1'
#
loop_
_entity.id
_entity.type
_entity.pdbx_description
1 polymer 'EUKARYOTIC INITIATION FACTOR 4A-III'
2 polymer 'PRE-MRNA-SPLICING FACTOR CWC22 HOMOLOG'
3 non-polymer 'PHOSPHATE ION'
4 non-polymer GLYCEROL
5 water water
#
loop_
_entity_poly.entity_id
_entity_poly.type
_entity_poly.pdbx_seq_one_letter_code
_entity_poly.pdbx_strand_id
1 'polypeptide(L)'
;MATTATMATSGSARKRLLKEEDMTKVEFETSEEVDVTPTFDTMGLREDLLRGIYAYGFEKPSAIQQRAIKQIIKGRDVIA
QSQSGTGKTATFSISVLQCLDIQVRETQALILAPTRELAVQIQKGLLALGDYMNVQCHACIGGTNVGEDIRKLDYGQHVV
AGTPGRVFDMIRRRSLRTRAIKMLVLDEADEMLNKGFKEQIYDVYRYLPPATQVVLISATLPHEILEMTNKFMTDPIRIL
VKRDELTLEGIKQFFVAVEREEWKFDTLCDLYDTLTITQAVIFCNTKRKVDWLTEKMREANFTVSSMHGDMPQKERESIM
KEFRSGASRVLISTDVWARGLDVPQVSLIINYDLPNNRELYIHRIGRSGRYGRKGVAINFVKNDDIRILRDIEQYYSTQI
DEMPMNVADLI
;
A
2 'polypeptide(L)'
;KKKKDELDPLLTRTGGAYIPPAKLRMMQEQITDKNSLAYQRMSWEALKKSINGLINKVNISNISIIIQELLQENIVRGRG
LLSRSVLQAQSASPIFTHVYAALVAIINSKFPQIGELILKRLILNFRKGYRRNDKQLCLTASKFVAHLINQNVAHEVLCL
EMLTLLLERPTDDSVEVAIGFLKECGLKLTQVSPRGINAIFERLRNILHESEIDKRVQYMIEVMFAVRKDGFKDHPIILE
GLDLVEEDDQFTHMLPLEDDYNPEDVLNVFKMDPNFMENEEKYKAIKKEIL
;
B
#
# COMPACT_ATOMS: atom_id res chain seq x y z
N GLU A 21 -1.36 6.09 32.51
CA GLU A 21 -0.40 6.33 31.43
C GLU A 21 -1.09 6.32 30.06
N ASP A 22 -2.19 5.57 29.96
CA ASP A 22 -2.95 5.48 28.72
C ASP A 22 -2.13 4.86 27.61
N MET A 23 -1.96 3.54 27.67
CA MET A 23 -1.11 2.84 26.71
C MET A 23 -1.63 2.92 25.28
N THR A 24 -2.81 3.50 25.09
CA THR A 24 -3.39 3.66 23.76
C THR A 24 -2.64 4.73 22.97
N LYS A 25 -1.90 5.57 23.69
CA LYS A 25 -1.15 6.67 23.07
C LYS A 25 0.21 6.21 22.50
N VAL A 26 0.68 5.06 22.96
CA VAL A 26 1.93 4.47 22.48
C VAL A 26 1.94 4.31 20.96
N GLU A 27 2.96 4.86 20.30
CA GLU A 27 3.09 4.77 18.84
C GLU A 27 4.10 3.72 18.40
N PHE A 28 3.83 3.11 17.25
CA PHE A 28 4.70 2.08 16.70
C PHE A 28 5.17 2.44 15.29
N GLU A 29 6.26 1.81 14.86
CA GLU A 29 6.70 1.89 13.48
C GLU A 29 7.09 0.51 12.99
N THR A 30 7.15 0.32 11.68
CA THR A 30 7.40 -1.00 11.11
C THR A 30 8.58 -0.95 10.14
N SER A 31 9.36 -2.03 10.07
CA SER A 31 10.59 -2.05 9.27
C SER A 31 10.34 -2.00 7.77
N GLU A 32 9.10 -2.27 7.36
CA GLU A 32 8.72 -2.11 5.97
C GLU A 32 7.28 -1.62 5.96
N GLU A 33 6.82 -1.18 4.81
CA GLU A 33 5.44 -0.70 4.69
C GLU A 33 4.48 -1.86 4.91
N VAL A 34 3.46 -1.62 5.74
CA VAL A 34 2.45 -2.64 6.00
C VAL A 34 1.05 -2.06 5.86
N ASP A 35 0.09 -2.95 5.61
CA ASP A 35 -1.32 -2.60 5.62
C ASP A 35 -1.74 -2.30 7.05
N VAL A 36 -2.20 -1.09 7.33
CA VAL A 36 -2.72 -0.76 8.66
C VAL A 36 -4.21 -1.05 8.74
N THR A 37 -4.58 -2.10 9.46
CA THR A 37 -5.97 -2.54 9.53
C THR A 37 -6.70 -1.92 10.72
N PRO A 38 -7.54 -0.91 10.45
CA PRO A 38 -8.16 -0.09 11.50
C PRO A 38 -9.19 -0.82 12.37
N THR A 39 -9.78 -1.89 11.86
CA THR A 39 -10.82 -2.62 12.57
C THR A 39 -10.54 -4.12 12.55
N PHE A 40 -11.14 -4.88 13.47
CA PHE A 40 -10.99 -6.33 13.45
C PHE A 40 -11.62 -6.95 12.20
N ASP A 41 -12.58 -6.23 11.61
CA ASP A 41 -13.30 -6.76 10.46
C ASP A 41 -12.57 -6.47 9.15
N THR A 42 -11.44 -5.80 9.23
CA THR A 42 -10.67 -5.51 8.02
C THR A 42 -9.35 -6.26 8.04
N MET A 43 -9.21 -7.18 8.99
CA MET A 43 -7.97 -7.92 9.15
C MET A 43 -7.96 -9.23 8.35
N GLY A 44 -9.14 -9.67 7.93
CA GLY A 44 -9.26 -10.94 7.24
C GLY A 44 -9.18 -12.09 8.23
N LEU A 45 -9.95 -11.99 9.30
CA LEU A 45 -10.05 -13.04 10.31
C LEU A 45 -11.23 -13.96 10.02
N ARG A 46 -11.09 -15.25 10.31
CA ARG A 46 -12.20 -16.19 10.15
C ARG A 46 -13.33 -15.80 11.09
N GLU A 47 -14.57 -16.01 10.64
CA GLU A 47 -15.74 -15.52 11.37
C GLU A 47 -15.92 -16.10 12.77
N ASP A 48 -15.62 -17.37 12.97
CA ASP A 48 -15.83 -17.96 14.29
C ASP A 48 -14.85 -17.39 15.30
N LEU A 49 -13.70 -16.92 14.82
CA LEU A 49 -12.74 -16.23 15.67
C LEU A 49 -13.28 -14.83 16.03
N LEU A 50 -13.78 -14.12 15.03
CA LEU A 50 -14.33 -12.78 15.25
C LEU A 50 -15.45 -12.82 16.27
N ARG A 51 -16.27 -13.86 16.21
CA ARG A 51 -17.33 -14.07 17.19
C ARG A 51 -16.73 -14.12 18.60
N GLY A 52 -15.66 -14.89 18.78
CA GLY A 52 -14.97 -14.98 20.06
C GLY A 52 -14.34 -13.65 20.47
N ILE A 53 -13.77 -12.94 19.50
CA ILE A 53 -13.12 -11.65 19.76
C ILE A 53 -14.10 -10.61 20.30
N TYR A 54 -15.24 -10.44 19.62
CA TYR A 54 -16.24 -9.47 20.05
C TYR A 54 -16.91 -9.94 21.34
N ALA A 55 -17.15 -11.24 21.46
CA ALA A 55 -17.78 -11.79 22.64
C ALA A 55 -16.92 -11.54 23.88
N TYR A 56 -15.61 -11.42 23.69
CA TYR A 56 -14.72 -11.21 24.82
C TYR A 56 -14.80 -9.77 25.34
N GLY A 57 -15.16 -8.83 24.46
CA GLY A 57 -15.27 -7.44 24.83
C GLY A 57 -14.50 -6.49 23.93
N PHE A 58 -13.73 -7.05 23.01
CA PHE A 58 -12.94 -6.23 22.08
C PHE A 58 -13.84 -5.41 21.17
N GLU A 59 -13.45 -4.15 20.97
CA GLU A 59 -14.15 -3.30 20.04
C GLU A 59 -13.15 -2.79 19.00
N LYS A 60 -12.30 -1.87 19.41
CA LYS A 60 -11.28 -1.31 18.54
C LYS A 60 -9.92 -1.95 18.81
N PRO A 61 -9.19 -2.31 17.74
CA PRO A 61 -7.84 -2.86 17.89
C PRO A 61 -6.84 -1.76 18.24
N SER A 62 -5.84 -2.11 19.03
CA SER A 62 -4.80 -1.16 19.40
C SER A 62 -3.82 -0.97 18.25
N ALA A 63 -2.96 0.04 18.35
CA ALA A 63 -2.02 0.35 17.28
C ALA A 63 -1.16 -0.86 16.89
N ILE A 64 -0.58 -1.54 17.87
CA ILE A 64 0.20 -2.74 17.60
C ILE A 64 -0.66 -3.79 16.89
N GLN A 65 -1.90 -3.94 17.33
CA GLN A 65 -2.84 -4.90 16.73
C GLN A 65 -3.18 -4.59 15.28
N GLN A 66 -3.41 -3.33 14.98
CA GLN A 66 -3.72 -2.87 13.62
C GLN A 66 -2.55 -3.08 12.66
N ARG A 67 -1.40 -3.49 13.20
CA ARG A 67 -0.22 -3.70 12.35
C ARG A 67 0.29 -5.14 12.39
N ALA A 68 0.25 -5.75 13.56
CA ALA A 68 0.95 -7.02 13.77
C ALA A 68 0.11 -8.24 13.42
N ILE A 69 -1.19 -8.15 13.69
CA ILE A 69 -2.06 -9.30 13.47
C ILE A 69 -2.07 -9.71 12.00
N LYS A 70 -2.34 -8.78 11.10
CA LYS A 70 -2.35 -9.09 9.66
C LYS A 70 -1.03 -9.72 9.19
N GLN A 71 0.09 -9.26 9.73
CA GLN A 71 1.39 -9.75 9.30
C GLN A 71 1.65 -11.17 9.80
N ILE A 72 1.19 -11.48 11.00
CA ILE A 72 1.41 -12.80 11.56
C ILE A 72 0.54 -13.83 10.83
N ILE A 73 -0.72 -13.49 10.62
CA ILE A 73 -1.66 -14.43 10.02
C ILE A 73 -1.36 -14.66 8.54
N LYS A 74 -0.79 -13.67 7.86
CA LYS A 74 -0.37 -13.88 6.48
C LYS A 74 0.94 -14.68 6.39
N GLY A 75 1.56 -14.98 7.53
CA GLY A 75 2.69 -15.89 7.57
C GLY A 75 4.08 -15.31 7.83
N ARG A 76 4.16 -14.01 8.07
CA ARG A 76 5.47 -13.38 8.27
C ARG A 76 6.07 -13.66 9.65
N ASP A 77 7.39 -13.85 9.70
CA ASP A 77 8.09 -13.82 10.98
C ASP A 77 8.02 -12.40 11.52
N VAL A 78 7.71 -12.25 12.80
CA VAL A 78 7.46 -10.95 13.38
C VAL A 78 8.17 -10.75 14.73
N ILE A 79 8.81 -9.60 14.89
CA ILE A 79 9.30 -9.15 16.19
C ILE A 79 8.43 -7.98 16.63
N ALA A 80 7.70 -8.15 17.73
CA ALA A 80 6.85 -7.07 18.26
C ALA A 80 7.39 -6.57 19.61
N GLN A 81 7.60 -5.26 19.72
CA GLN A 81 8.20 -4.67 20.91
C GLN A 81 7.45 -3.45 21.45
N SER A 82 7.14 -3.48 22.74
CA SER A 82 6.64 -2.31 23.46
C SER A 82 6.42 -2.69 24.93
N GLN A 83 6.30 -1.67 25.77
CA GLN A 83 6.03 -1.88 27.18
C GLN A 83 4.66 -2.52 27.36
N SER A 84 4.40 -2.97 28.59
CA SER A 84 3.21 -3.75 28.90
C SER A 84 1.90 -3.04 28.56
N GLY A 85 0.88 -3.81 28.21
CA GLY A 85 -0.47 -3.30 28.09
C GLY A 85 -0.82 -2.58 26.80
N THR A 86 -0.03 -2.79 25.75
CA THR A 86 -0.33 -2.20 24.46
C THR A 86 -1.16 -3.15 23.58
N GLY A 87 -1.45 -4.34 24.09
CA GLY A 87 -2.26 -5.32 23.38
C GLY A 87 -1.47 -6.45 22.75
N LYS A 88 -0.29 -6.75 23.29
CA LYS A 88 0.59 -7.75 22.68
C LYS A 88 0.09 -9.18 22.91
N THR A 89 -0.53 -9.44 24.04
CA THR A 89 -1.02 -10.79 24.30
C THR A 89 -2.18 -11.14 23.36
N ALA A 90 -3.12 -10.22 23.19
CA ALA A 90 -4.22 -10.44 22.27
C ALA A 90 -3.69 -10.61 20.85
N THR A 91 -2.65 -9.84 20.52
CA THR A 91 -2.07 -9.89 19.18
C THR A 91 -1.63 -11.30 18.81
N PHE A 92 -0.85 -11.96 19.66
CA PHE A 92 -0.42 -13.33 19.30
C PHE A 92 -1.49 -14.39 19.56
N SER A 93 -2.32 -14.18 20.58
CA SER A 93 -3.40 -15.13 20.85
C SER A 93 -4.37 -15.21 19.65
N ILE A 94 -4.77 -14.06 19.14
CA ILE A 94 -5.69 -14.00 18.00
C ILE A 94 -5.02 -14.61 16.77
N SER A 95 -3.76 -14.23 16.54
CA SER A 95 -3.04 -14.70 15.37
C SER A 95 -2.83 -16.22 15.38
N VAL A 96 -2.51 -16.77 16.55
CA VAL A 96 -2.35 -18.22 16.67
C VAL A 96 -3.65 -18.96 16.35
N LEU A 97 -4.76 -18.44 16.87
CA LEU A 97 -6.04 -19.09 16.63
C LEU A 97 -6.40 -19.05 15.16
N GLN A 98 -6.13 -17.91 14.51
CA GLN A 98 -6.50 -17.74 13.11
C GLN A 98 -5.86 -18.82 12.25
N CYS A 99 -4.66 -19.25 12.63
CA CYS A 99 -3.92 -20.16 11.77
C CYS A 99 -4.17 -21.64 12.05
N LEU A 100 -5.09 -21.94 12.94
CA LEU A 100 -5.38 -23.32 13.29
C LEU A 100 -6.29 -24.03 12.29
N ASP A 101 -5.96 -25.28 12.00
CA ASP A 101 -6.90 -26.16 11.32
C ASP A 101 -7.49 -27.02 12.42
N ILE A 102 -8.68 -26.66 12.88
CA ILE A 102 -9.32 -27.40 13.98
C ILE A 102 -9.49 -28.90 13.64
N GLN A 103 -9.69 -29.21 12.36
CA GLN A 103 -9.90 -30.62 11.96
C GLN A 103 -8.66 -31.49 12.16
N VAL A 104 -7.50 -30.85 12.28
CA VAL A 104 -6.26 -31.57 12.51
C VAL A 104 -5.99 -31.64 14.00
N ARG A 105 -6.15 -32.82 14.59
CA ARG A 105 -5.99 -33.01 16.02
C ARG A 105 -4.53 -33.25 16.37
N GLU A 106 -3.70 -32.25 16.07
CA GLU A 106 -2.28 -32.28 16.39
CA GLU A 106 -2.27 -32.29 16.34
C GLU A 106 -1.82 -30.88 16.73
N THR A 107 -0.78 -30.78 17.55
CA THR A 107 -0.29 -29.48 17.97
C THR A 107 0.26 -28.70 16.78
N GLN A 108 -0.25 -27.50 16.60
CA GLN A 108 0.08 -26.67 15.44
C GLN A 108 0.80 -25.41 15.83
N ALA A 109 0.67 -25.03 17.10
CA ALA A 109 1.34 -23.85 17.62
C ALA A 109 1.87 -24.03 19.05
N LEU A 110 3.05 -23.45 19.28
CA LEU A 110 3.75 -23.55 20.54
C LEU A 110 3.96 -22.15 21.07
N ILE A 111 3.62 -21.93 22.33
CA ILE A 111 3.83 -20.63 22.97
C ILE A 111 4.70 -20.82 24.20
N LEU A 112 5.91 -20.25 24.16
CA LEU A 112 6.80 -20.31 25.30
C LEU A 112 6.64 -19.05 26.14
N ALA A 113 6.56 -19.23 27.46
CA ALA A 113 6.44 -18.10 28.38
C ALA A 113 7.40 -18.23 29.58
N PRO A 114 7.69 -17.09 30.24
CA PRO A 114 8.66 -17.13 31.35
C PRO A 114 8.19 -17.91 32.59
N THR A 115 6.88 -18.07 32.79
CA THR A 115 6.41 -18.85 33.93
C THR A 115 5.23 -19.75 33.59
N ARG A 116 5.00 -20.71 34.46
CA ARG A 116 3.90 -21.65 34.33
C ARG A 116 2.59 -20.90 34.52
N GLU A 117 2.59 -19.92 35.42
CA GLU A 117 1.39 -19.16 35.73
C GLU A 117 0.92 -18.36 34.51
N LEU A 118 1.88 -17.80 33.78
CA LEU A 118 1.58 -17.03 32.58
C LEU A 118 1.08 -17.95 31.46
N ALA A 119 1.69 -19.14 31.38
CA ALA A 119 1.26 -20.17 30.44
C ALA A 119 -0.20 -20.54 30.64
N VAL A 120 -0.58 -20.76 31.90
CA VAL A 120 -1.97 -21.05 32.24
C VAL A 120 -2.89 -19.88 31.86
N GLN A 121 -2.44 -18.66 32.16
CA GLN A 121 -3.18 -17.46 31.84
C GLN A 121 -3.38 -17.33 30.33
N ILE A 122 -2.32 -17.63 29.58
CA ILE A 122 -2.36 -17.63 28.13
C ILE A 122 -3.35 -18.67 27.59
N GLN A 123 -3.32 -19.87 28.15
CA GLN A 123 -4.24 -20.93 27.76
C GLN A 123 -5.69 -20.49 27.91
N LYS A 124 -6.01 -19.95 29.07
CA LYS A 124 -7.38 -19.54 29.36
C LYS A 124 -7.84 -18.45 28.38
N GLY A 125 -6.91 -17.56 28.02
CA GLY A 125 -7.20 -16.52 27.05
C GLY A 125 -7.56 -17.10 25.70
N LEU A 126 -6.75 -18.06 25.26
CA LEU A 126 -6.91 -18.72 23.99
C LEU A 126 -8.24 -19.46 23.92
N LEU A 127 -8.60 -20.11 25.02
CA LEU A 127 -9.84 -20.86 25.12
C LEU A 127 -11.04 -19.95 25.01
N ALA A 128 -10.93 -18.77 25.61
CA ALA A 128 -12.01 -17.79 25.60
C ALA A 128 -12.19 -17.24 24.20
N LEU A 129 -11.11 -16.71 23.63
CA LEU A 129 -11.19 -16.16 22.27
C LEU A 129 -11.59 -17.23 21.25
N GLY A 130 -11.18 -18.46 21.49
CA GLY A 130 -11.43 -19.56 20.55
C GLY A 130 -12.65 -20.40 20.84
N ASP A 131 -13.52 -19.87 21.71
CA ASP A 131 -14.66 -20.62 22.21
C ASP A 131 -15.67 -21.07 21.14
N TYR A 132 -15.75 -20.32 20.04
CA TYR A 132 -16.65 -20.71 18.96
C TYR A 132 -15.91 -21.55 17.92
N MET A 133 -14.63 -21.81 18.18
CA MET A 133 -13.77 -22.53 17.26
C MET A 133 -13.52 -24.00 17.66
N ASN A 134 -14.00 -24.38 18.84
CA ASN A 134 -13.70 -25.71 19.37
C ASN A 134 -12.20 -25.97 19.49
N VAL A 135 -11.46 -24.92 19.81
CA VAL A 135 -10.02 -25.02 19.96
C VAL A 135 -9.68 -25.86 21.19
N GLN A 136 -8.57 -26.58 21.11
CA GLN A 136 -8.03 -27.35 22.23
C GLN A 136 -6.68 -26.73 22.58
N CYS A 137 -6.50 -26.31 23.82
CA CYS A 137 -5.22 -25.71 24.23
CA CYS A 137 -5.25 -25.67 24.25
C CYS A 137 -4.83 -26.19 25.61
N HIS A 138 -3.54 -26.47 25.77
CA HIS A 138 -3.04 -26.98 27.04
C HIS A 138 -1.79 -26.25 27.51
N ALA A 139 -1.79 -25.85 28.77
CA ALA A 139 -0.58 -25.29 29.37
C ALA A 139 0.09 -26.36 30.21
N CYS A 140 1.31 -26.73 29.84
CA CYS A 140 2.08 -27.74 30.59
C CYS A 140 2.40 -27.30 32.02
N ILE A 141 1.88 -28.05 32.99
CA ILE A 141 2.02 -27.73 34.41
C ILE A 141 3.32 -28.25 35.04
N GLY A 142 3.66 -29.50 34.76
CA GLY A 142 4.77 -30.15 35.42
C GLY A 142 4.35 -30.57 36.82
N GLY A 143 5.33 -30.67 37.72
CA GLY A 143 5.07 -31.04 39.09
C GLY A 143 4.43 -32.41 39.18
N THR A 144 3.44 -32.55 40.06
CA THR A 144 2.73 -33.82 40.19
C THR A 144 1.70 -34.01 39.07
N ASN A 145 1.75 -33.13 38.07
CA ASN A 145 0.79 -33.17 36.97
C ASN A 145 1.43 -33.48 35.62
N VAL A 146 2.69 -33.93 35.66
CA VAL A 146 3.40 -34.27 34.44
C VAL A 146 2.71 -35.43 33.71
N GLY A 147 2.20 -36.41 34.47
CA GLY A 147 1.48 -37.53 33.90
C GLY A 147 0.24 -37.03 33.17
N GLU A 148 -0.45 -36.08 33.80
CA GLU A 148 -1.64 -35.48 33.24
C GLU A 148 -1.30 -34.62 32.01
N ASP A 149 -0.16 -33.95 32.03
CA ASP A 149 0.30 -33.19 30.87
C ASP A 149 0.44 -34.14 29.69
N ILE A 150 1.08 -35.28 29.94
CA ILE A 150 1.37 -36.29 28.94
C ILE A 150 0.11 -36.85 28.29
N ARG A 151 -0.87 -37.19 29.13
CA ARG A 151 -2.16 -37.69 28.68
C ARG A 151 -2.78 -36.73 27.67
N LYS A 152 -2.87 -35.46 28.04
CA LYS A 152 -3.49 -34.45 27.20
C LYS A 152 -2.74 -34.24 25.88
N LEU A 153 -1.43 -34.15 25.95
CA LEU A 153 -0.60 -34.01 24.75
C LEU A 153 -0.77 -35.18 23.78
N ASP A 154 -0.87 -36.39 24.34
CA ASP A 154 -1.06 -37.59 23.51
C ASP A 154 -2.39 -37.56 22.78
N TYR A 155 -3.42 -37.05 23.46
CA TYR A 155 -4.74 -36.85 22.89
C TYR A 155 -4.70 -35.93 21.69
N GLY A 156 -3.95 -34.85 21.81
CA GLY A 156 -3.78 -33.91 20.72
C GLY A 156 -4.36 -32.55 21.07
N GLN A 157 -3.48 -31.56 21.20
CA GLN A 157 -3.90 -30.20 21.50
C GLN A 157 -3.43 -29.30 20.39
N HIS A 158 -4.34 -28.52 19.80
CA HIS A 158 -3.98 -27.57 18.75
C HIS A 158 -2.87 -26.59 19.19
N VAL A 159 -2.96 -26.14 20.43
CA VAL A 159 -2.00 -25.18 20.96
C VAL A 159 -1.45 -25.65 22.29
N VAL A 160 -0.14 -25.54 22.47
CA VAL A 160 0.47 -25.91 23.73
C VAL A 160 1.31 -24.74 24.21
N ALA A 161 1.21 -24.44 25.50
CA ALA A 161 1.99 -23.36 26.06
C ALA A 161 2.70 -23.80 27.32
N GLY A 162 3.79 -23.12 27.68
CA GLY A 162 4.49 -23.41 28.91
C GLY A 162 5.88 -22.83 28.86
N THR A 163 6.67 -23.09 29.91
CA THR A 163 8.06 -22.66 29.91
C THR A 163 8.86 -23.46 28.89
N PRO A 164 9.97 -22.89 28.42
CA PRO A 164 10.84 -23.57 27.46
C PRO A 164 11.29 -24.95 27.97
N GLY A 165 11.67 -25.02 29.25
CA GLY A 165 12.12 -26.27 29.84
C GLY A 165 11.05 -27.36 29.81
N ARG A 166 9.84 -26.99 30.20
CA ARG A 166 8.75 -27.95 30.28
C ARG A 166 8.37 -28.43 28.88
N VAL A 167 8.19 -27.48 27.98
CA VAL A 167 7.85 -27.80 26.60
C VAL A 167 8.95 -28.66 25.99
N PHE A 168 10.20 -28.34 26.29
CA PHE A 168 11.27 -29.11 25.71
C PHE A 168 11.28 -30.56 26.22
N ASP A 169 10.94 -30.74 27.50
CA ASP A 169 10.84 -32.08 28.07
C ASP A 169 9.78 -32.92 27.35
N MET A 170 8.63 -32.30 27.06
CA MET A 170 7.53 -33.03 26.46
C MET A 170 7.86 -33.40 25.03
N ILE A 171 8.61 -32.54 24.35
CA ILE A 171 9.06 -32.83 22.99
C ILE A 171 10.05 -33.97 23.03
N ARG A 172 11.04 -33.88 23.91
CA ARG A 172 12.06 -34.91 24.07
CA ARG A 172 12.05 -34.91 24.03
C ARG A 172 11.47 -36.26 24.44
N ARG A 173 10.41 -36.25 25.26
CA ARG A 173 9.75 -37.48 25.68
CA ARG A 173 9.78 -37.49 25.68
C ARG A 173 8.91 -38.08 24.57
N ARG A 174 8.65 -37.25 23.56
CA ARG A 174 7.82 -37.63 22.41
C ARG A 174 6.33 -37.53 22.75
N SER A 175 6.03 -36.96 23.91
CA SER A 175 4.62 -36.76 24.28
C SER A 175 4.00 -35.64 23.46
N LEU A 176 4.83 -34.68 23.07
CA LEU A 176 4.39 -33.56 22.24
C LEU A 176 4.93 -33.75 20.83
N ARG A 177 4.10 -34.29 19.93
CA ARG A 177 4.52 -34.48 18.55
C ARG A 177 4.71 -33.11 17.88
N THR A 178 5.73 -32.97 17.04
CA THR A 178 6.06 -31.65 16.48
C THR A 178 5.80 -31.52 14.98
N ARG A 179 5.48 -32.63 14.34
CA ARG A 179 5.35 -32.68 12.87
C ARG A 179 4.37 -31.68 12.27
N ALA A 180 3.36 -31.30 13.03
CA ALA A 180 2.33 -30.39 12.51
C ALA A 180 2.53 -28.95 12.98
N ILE A 181 3.59 -28.72 13.75
CA ILE A 181 3.83 -27.37 14.25
C ILE A 181 4.13 -26.41 13.10
N LYS A 182 3.43 -25.28 13.09
CA LYS A 182 3.61 -24.30 12.03
C LYS A 182 4.01 -22.96 12.63
N MET A 183 3.96 -22.89 13.95
CA MET A 183 4.10 -21.61 14.60
C MET A 183 4.75 -21.71 15.97
N LEU A 184 5.62 -20.75 16.28
CA LEU A 184 6.27 -20.69 17.59
C LEU A 184 6.23 -19.24 18.10
N VAL A 185 5.65 -19.06 19.27
CA VAL A 185 5.54 -17.74 19.85
C VAL A 185 6.43 -17.68 21.09
N LEU A 186 7.27 -16.67 21.13
CA LEU A 186 8.14 -16.42 22.28
C LEU A 186 7.59 -15.22 23.04
N ASP A 187 6.83 -15.48 24.10
CA ASP A 187 6.19 -14.44 24.87
C ASP A 187 7.11 -13.88 25.98
N GLU A 188 7.19 -12.56 26.07
CA GLU A 188 8.15 -11.91 26.98
C GLU A 188 9.53 -12.55 26.84
N ALA A 189 10.07 -12.51 25.62
CA ALA A 189 11.33 -13.19 25.34
C ALA A 189 12.50 -12.65 26.17
N ASP A 190 12.52 -11.34 26.42
CA ASP A 190 13.61 -10.76 27.20
C ASP A 190 13.61 -11.29 28.64
N GLU A 191 12.41 -11.48 29.18
CA GLU A 191 12.25 -12.02 30.52
C GLU A 191 12.70 -13.49 30.60
N MET A 192 12.36 -14.28 29.59
CA MET A 192 12.80 -15.68 29.55
C MET A 192 14.33 -15.74 29.57
N LEU A 193 14.96 -14.85 28.82
CA LEU A 193 16.41 -14.78 28.77
C LEU A 193 16.97 -14.40 30.13
N ASN A 194 16.27 -13.48 30.80
CA ASN A 194 16.65 -13.04 32.15
CA ASN A 194 16.67 -13.04 32.14
C ASN A 194 16.54 -14.18 33.16
N LYS A 195 15.64 -15.10 32.89
CA LYS A 195 15.45 -16.25 33.77
C LYS A 195 16.45 -17.36 33.46
N GLY A 196 17.18 -17.22 32.35
CA GLY A 196 18.22 -18.15 31.98
C GLY A 196 17.76 -19.25 31.06
N PHE A 197 16.67 -19.00 30.32
CA PHE A 197 16.06 -20.01 29.47
C PHE A 197 16.61 -20.02 28.05
N LYS A 198 17.66 -19.25 27.77
CA LYS A 198 18.16 -19.18 26.40
C LYS A 198 18.37 -20.56 25.73
N GLU A 199 19.13 -21.43 26.40
CA GLU A 199 19.46 -22.75 25.86
C GLU A 199 18.20 -23.55 25.50
N GLN A 200 17.29 -23.67 26.45
CA GLN A 200 16.02 -24.34 26.25
C GLN A 200 15.25 -23.80 25.04
N ILE A 201 15.26 -22.48 24.85
CA ILE A 201 14.57 -21.89 23.73
C ILE A 201 15.19 -22.31 22.40
N TYR A 202 16.52 -22.25 22.30
CA TYR A 202 17.20 -22.71 21.11
C TYR A 202 16.96 -24.22 20.91
N ASP A 203 16.91 -24.94 22.02
CA ASP A 203 16.67 -26.38 21.98
C ASP A 203 15.28 -26.71 21.40
N VAL A 204 14.28 -25.94 21.83
CA VAL A 204 12.95 -26.12 21.29
C VAL A 204 12.93 -25.83 19.79
N TYR A 205 13.44 -24.67 19.41
CA TYR A 205 13.44 -24.28 18.00
C TYR A 205 14.14 -25.32 17.11
N ARG A 206 15.22 -25.91 17.61
CA ARG A 206 15.95 -26.92 16.85
C ARG A 206 15.13 -28.18 16.54
N TYR A 207 14.11 -28.46 17.34
CA TYR A 207 13.30 -29.65 17.11
C TYR A 207 12.03 -29.41 16.28
N LEU A 208 11.82 -28.16 15.84
CA LEU A 208 10.63 -27.84 15.05
C LEU A 208 10.86 -27.95 13.55
N PRO A 209 9.77 -28.11 12.78
CA PRO A 209 9.86 -28.21 11.32
C PRO A 209 10.52 -26.98 10.69
N PRO A 210 11.20 -27.18 9.55
CA PRO A 210 11.99 -26.15 8.87
C PRO A 210 11.25 -24.84 8.55
N ALA A 211 10.00 -24.93 8.10
CA ALA A 211 9.30 -23.71 7.67
C ALA A 211 8.56 -23.00 8.79
N THR A 212 8.83 -23.38 10.04
CA THR A 212 8.07 -22.86 11.16
C THR A 212 8.16 -21.33 11.27
N GLN A 213 7.00 -20.69 11.34
CA GLN A 213 6.89 -19.26 11.59
C GLN A 213 7.24 -18.95 13.04
N VAL A 214 7.96 -17.85 13.26
CA VAL A 214 8.34 -17.48 14.62
C VAL A 214 7.91 -16.04 14.94
N VAL A 215 7.26 -15.88 16.09
CA VAL A 215 6.81 -14.58 16.56
C VAL A 215 7.48 -14.31 17.90
N LEU A 216 8.17 -13.18 18.01
CA LEU A 216 8.86 -12.83 19.25
C LEU A 216 8.30 -11.54 19.82
N ILE A 217 7.86 -11.62 21.08
CA ILE A 217 7.25 -10.51 21.79
C ILE A 217 8.17 -10.14 22.94
N SER A 218 8.56 -8.86 23.01
CA SER A 218 9.51 -8.44 24.05
C SER A 218 9.44 -6.94 24.31
N ALA A 219 9.49 -6.55 25.57
CA ALA A 219 9.49 -5.13 25.92
C ALA A 219 10.81 -4.47 25.50
N THR A 220 11.89 -5.25 25.50
CA THR A 220 13.21 -4.72 25.23
C THR A 220 13.94 -5.47 24.11
N LEU A 221 14.97 -4.83 23.56
CA LEU A 221 15.67 -5.35 22.39
C LEU A 221 17.17 -5.55 22.61
N PRO A 222 17.56 -6.26 23.69
CA PRO A 222 18.99 -6.47 23.95
C PRO A 222 19.62 -7.36 22.88
N HIS A 223 20.94 -7.50 22.90
CA HIS A 223 21.64 -8.22 21.83
C HIS A 223 21.23 -9.68 21.66
N GLU A 224 21.06 -10.39 22.77
CA GLU A 224 20.67 -11.79 22.72
C GLU A 224 19.36 -11.96 21.97
N ILE A 225 18.44 -11.02 22.14
CA ILE A 225 17.14 -11.07 21.47
C ILE A 225 17.30 -10.86 19.97
N LEU A 226 18.11 -9.89 19.58
CA LEU A 226 18.32 -9.61 18.17
C LEU A 226 19.07 -10.73 17.48
N GLU A 227 20.03 -11.33 18.17
CA GLU A 227 20.74 -12.48 17.61
C GLU A 227 19.79 -13.65 17.46
N MET A 228 18.90 -13.78 18.44
CA MET A 228 17.89 -14.82 18.44
C MET A 228 16.96 -14.70 17.23
N THR A 229 16.55 -13.47 16.93
CA THR A 229 15.71 -13.19 15.77
C THR A 229 16.43 -13.47 14.46
N ASN A 230 17.75 -13.26 14.44
CA ASN A 230 18.54 -13.49 13.23
C ASN A 230 18.63 -14.97 12.94
N LYS A 231 18.68 -15.76 14.01
CA LYS A 231 18.84 -17.20 13.88
C LYS A 231 17.49 -17.89 13.65
N PHE A 232 16.44 -17.37 14.28
CA PHE A 232 15.12 -18.00 14.19
C PHE A 232 14.26 -17.50 13.03
N MET A 233 14.59 -16.35 12.47
CA MET A 233 13.68 -15.74 11.51
C MET A 233 14.24 -15.52 10.12
N THR A 234 13.34 -15.42 9.15
CA THR A 234 13.69 -15.11 7.77
C THR A 234 12.87 -13.91 7.34
N ASP A 235 13.54 -12.84 6.92
CA ASP A 235 12.91 -11.57 6.53
C ASP A 235 11.80 -11.16 7.48
N PRO A 236 12.12 -10.98 8.76
CA PRO A 236 11.09 -10.69 9.77
C PRO A 236 10.57 -9.27 9.66
N ILE A 237 9.30 -9.07 9.98
CA ILE A 237 8.76 -7.73 10.13
C ILE A 237 9.05 -7.27 11.54
N ARG A 238 9.69 -6.12 11.68
CA ARG A 238 9.94 -5.53 12.98
CA ARG A 238 9.94 -5.54 12.98
C ARG A 238 8.90 -4.46 13.26
N ILE A 239 8.17 -4.62 14.37
CA ILE A 239 7.15 -3.66 14.78
C ILE A 239 7.50 -3.15 16.17
N LEU A 240 8.06 -1.95 16.23
CA LEU A 240 8.70 -1.44 17.44
C LEU A 240 8.12 -0.10 17.88
N VAL A 241 8.29 0.23 19.16
CA VAL A 241 7.92 1.57 19.64
C VAL A 241 8.72 2.58 18.85
N LYS A 242 8.02 3.60 18.37
CA LYS A 242 8.64 4.59 17.51
C LYS A 242 9.70 5.40 18.24
N ARG A 243 10.84 5.58 17.60
CA ARG A 243 11.88 6.45 18.10
C ARG A 243 11.46 7.91 17.93
N ASP A 244 11.52 8.68 19.01
CA ASP A 244 11.22 10.11 18.94
C ASP A 244 12.42 10.86 18.35
N GLU A 245 12.61 10.74 17.04
CA GLU A 245 13.72 11.39 16.38
C GLU A 245 13.37 11.82 14.97
N LEU A 246 13.93 12.96 14.56
CA LEU A 246 13.70 13.47 13.22
C LEU A 246 15.03 13.69 12.53
N THR A 247 15.06 13.47 11.23
CA THR A 247 16.29 13.73 10.49
C THR A 247 15.98 14.12 9.06
N LEU A 248 16.90 14.84 8.43
CA LEU A 248 16.77 15.19 7.03
C LEU A 248 17.52 14.18 6.17
N GLU A 249 18.17 13.23 6.83
CA GLU A 249 18.81 12.11 6.14
C GLU A 249 17.75 11.29 5.41
N GLY A 250 17.96 11.06 4.12
CA GLY A 250 17.03 10.27 3.35
C GLY A 250 15.97 11.10 2.63
N ILE A 251 15.97 12.41 2.91
CA ILE A 251 15.06 13.33 2.24
C ILE A 251 15.83 14.04 1.13
N LYS A 252 15.40 13.86 -0.10
CA LYS A 252 15.97 14.61 -1.21
C LYS A 252 15.39 16.02 -1.15
N GLN A 253 16.26 17.00 -0.92
CA GLN A 253 15.81 18.37 -0.79
C GLN A 253 16.29 19.19 -1.98
N PHE A 254 15.37 19.94 -2.59
CA PHE A 254 15.72 20.83 -3.68
C PHE A 254 15.15 22.22 -3.42
N PHE A 255 15.69 23.21 -4.14
CA PHE A 255 15.08 24.52 -4.14
C PHE A 255 14.91 24.95 -5.58
N VAL A 256 13.91 25.78 -5.82
CA VAL A 256 13.73 26.41 -7.12
C VAL A 256 13.79 27.92 -6.90
N ALA A 257 14.70 28.58 -7.60
CA ALA A 257 14.80 30.03 -7.50
C ALA A 257 13.64 30.64 -8.27
N VAL A 258 12.53 30.88 -7.58
CA VAL A 258 11.34 31.47 -8.18
C VAL A 258 11.44 33.00 -8.30
N GLU A 259 12.45 33.57 -7.64
CA GLU A 259 12.73 35.02 -7.66
C GLU A 259 11.64 35.93 -7.09
N ARG A 260 10.41 35.79 -7.59
CA ARG A 260 9.32 36.66 -7.16
C ARG A 260 8.15 35.86 -6.63
N GLU A 261 7.48 36.39 -5.62
CA GLU A 261 6.28 35.76 -5.09
C GLU A 261 5.30 35.48 -6.22
N GLU A 262 5.09 36.49 -7.06
CA GLU A 262 4.09 36.39 -8.11
C GLU A 262 4.38 35.28 -9.13
N TRP A 263 5.56 34.66 -9.01
CA TRP A 263 5.96 33.60 -9.94
C TRP A 263 5.77 32.21 -9.36
N LYS A 264 5.41 32.15 -8.07
CA LYS A 264 5.23 30.87 -7.39
C LYS A 264 4.14 29.98 -8.01
N PHE A 265 2.96 30.55 -8.24
CA PHE A 265 1.82 29.72 -8.68
C PHE A 265 2.04 29.08 -10.05
N ASP A 266 2.53 29.88 -11.00
CA ASP A 266 2.88 29.39 -12.33
C ASP A 266 3.88 28.23 -12.24
N THR A 267 4.87 28.39 -11.38
CA THR A 267 5.88 27.33 -11.19
C THR A 267 5.28 26.05 -10.61
N LEU A 268 4.44 26.19 -9.60
CA LEU A 268 3.71 25.06 -9.03
C LEU A 268 2.91 24.34 -10.12
N CYS A 269 2.19 25.13 -10.93
CA CYS A 269 1.41 24.56 -12.02
C CYS A 269 2.28 23.80 -13.04
N ASP A 270 3.47 24.33 -13.29
CA ASP A 270 4.37 23.71 -14.26
C ASP A 270 4.92 22.40 -13.69
N LEU A 271 5.22 22.38 -12.40
CA LEU A 271 5.65 21.13 -11.76
C LEU A 271 4.57 20.05 -11.94
N TYR A 272 3.30 20.44 -11.78
CA TYR A 272 2.21 19.48 -11.99
C TYR A 272 2.03 19.05 -13.45
N ASP A 273 2.56 19.85 -14.38
CA ASP A 273 2.52 19.47 -15.80
C ASP A 273 3.70 18.60 -16.22
N THR A 274 4.66 18.41 -15.32
CA THR A 274 5.89 17.72 -15.70
C THR A 274 6.26 16.53 -14.81
N LEU A 275 5.66 16.46 -13.62
CA LEU A 275 6.03 15.45 -12.64
C LEU A 275 4.92 14.43 -12.48
N THR A 276 5.26 13.27 -11.94
CA THR A 276 4.25 12.27 -11.62
C THR A 276 4.01 12.30 -10.12
N ILE A 277 2.80 12.67 -9.74
CA ILE A 277 2.47 12.90 -8.35
C ILE A 277 1.25 12.11 -7.93
N THR A 278 1.39 11.38 -6.83
CA THR A 278 0.30 10.60 -6.28
C THR A 278 -0.54 11.54 -5.44
N GLN A 279 0.02 11.93 -4.31
CA GLN A 279 -0.51 13.03 -3.52
C GLN A 279 0.68 13.90 -3.15
N ALA A 280 0.41 15.16 -2.84
CA ALA A 280 1.47 16.05 -2.38
C ALA A 280 0.99 16.88 -1.22
N VAL A 281 1.93 17.28 -0.37
CA VAL A 281 1.64 18.22 0.70
C VAL A 281 2.34 19.55 0.43
N ILE A 282 1.58 20.64 0.53
CA ILE A 282 2.11 21.97 0.28
C ILE A 282 2.07 22.85 1.53
N PHE A 283 3.24 23.27 2.01
CA PHE A 283 3.29 24.17 3.17
C PHE A 283 3.34 25.64 2.80
N CYS A 284 2.59 26.45 3.54
CA CYS A 284 2.71 27.92 3.50
C CYS A 284 2.92 28.47 4.91
N ASN A 285 3.41 29.71 5.01
CA ASN A 285 3.69 30.30 6.31
C ASN A 285 2.45 30.81 7.07
N THR A 286 1.41 31.18 6.32
CA THR A 286 0.25 31.86 6.88
C THR A 286 -1.08 31.24 6.48
N LYS A 287 -2.06 31.33 7.38
CA LYS A 287 -3.42 30.94 7.07
C LYS A 287 -3.88 31.66 5.80
N ARG A 288 -3.53 32.94 5.69
CA ARG A 288 -3.90 33.76 4.53
CA ARG A 288 -3.89 33.76 4.54
C ARG A 288 -3.46 33.12 3.22
N LYS A 289 -2.19 32.72 3.16
CA LYS A 289 -1.63 32.10 1.96
C LYS A 289 -2.31 30.74 1.68
N VAL A 290 -2.60 29.98 2.73
CA VAL A 290 -3.27 28.69 2.58
C VAL A 290 -4.68 28.86 1.98
N ASP A 291 -5.42 29.83 2.50
CA ASP A 291 -6.76 30.12 1.99
C ASP A 291 -6.66 30.55 0.53
N TRP A 292 -5.71 31.43 0.24
CA TRP A 292 -5.50 31.91 -1.12
C TRP A 292 -5.15 30.77 -2.08
N LEU A 293 -4.14 29.99 -1.71
CA LEU A 293 -3.66 28.92 -2.57
C LEU A 293 -4.71 27.81 -2.78
N THR A 294 -5.47 27.52 -1.74
CA THR A 294 -6.57 26.58 -1.82
C THR A 294 -7.57 27.05 -2.88
N GLU A 295 -8.04 28.29 -2.76
CA GLU A 295 -8.99 28.86 -3.73
C GLU A 295 -8.44 28.77 -5.15
N LYS A 296 -7.16 29.09 -5.30
CA LYS A 296 -6.52 29.10 -6.61
C LYS A 296 -6.43 27.70 -7.23
N MET A 297 -6.01 26.73 -6.43
CA MET A 297 -5.84 25.38 -6.94
C MET A 297 -7.21 24.76 -7.25
N ARG A 298 -8.17 24.94 -6.36
CA ARG A 298 -9.52 24.44 -6.60
C ARG A 298 -10.10 25.01 -7.89
N GLU A 299 -9.89 26.30 -8.11
CA GLU A 299 -10.34 26.96 -9.33
C GLU A 299 -9.60 26.37 -10.54
N ALA A 300 -8.39 25.86 -10.30
CA ALA A 300 -7.61 25.16 -11.32
C ALA A 300 -7.95 23.67 -11.38
N ASN A 301 -8.99 23.27 -10.66
CA ASN A 301 -9.52 21.92 -10.69
C ASN A 301 -8.68 20.88 -9.98
N PHE A 302 -7.88 21.31 -9.00
CA PHE A 302 -7.22 20.37 -8.11
C PHE A 302 -8.23 19.98 -7.04
N THR A 303 -8.08 18.77 -6.50
CA THR A 303 -8.82 18.37 -5.30
C THR A 303 -7.93 18.61 -4.09
N VAL A 304 -8.40 19.46 -3.19
CA VAL A 304 -7.56 20.02 -2.15
C VAL A 304 -8.20 19.93 -0.77
N SER A 305 -7.43 19.49 0.21
CA SER A 305 -7.81 19.65 1.61
C SER A 305 -6.91 20.74 2.19
N SER A 306 -7.46 21.63 3.01
CA SER A 306 -6.62 22.70 3.56
C SER A 306 -6.69 22.70 5.08
N MET A 307 -5.59 23.09 5.70
CA MET A 307 -5.46 22.99 7.13
C MET A 307 -4.70 24.22 7.64
N HIS A 308 -5.06 24.72 8.82
CA HIS A 308 -4.41 25.88 9.41
C HIS A 308 -4.66 25.92 10.92
N GLY A 309 -4.10 26.93 11.58
CA GLY A 309 -4.14 27.03 13.03
C GLY A 309 -5.44 27.52 13.63
N ASP A 310 -6.27 28.19 12.82
CA ASP A 310 -7.56 28.71 13.30
C ASP A 310 -8.59 27.61 13.59
N MET A 311 -8.28 26.37 13.22
CA MET A 311 -9.22 25.28 13.43
C MET A 311 -8.77 24.34 14.54
N PRO A 312 -9.72 23.84 15.33
CA PRO A 312 -9.45 22.95 16.47
C PRO A 312 -8.73 21.69 16.01
N GLN A 313 -7.95 21.09 16.90
CA GLN A 313 -7.22 19.86 16.60
C GLN A 313 -8.11 18.76 16.01
N LYS A 314 -9.37 18.69 16.45
CA LYS A 314 -10.30 17.67 15.97
C LYS A 314 -10.59 17.83 14.47
N GLU A 315 -10.79 19.08 14.03
CA GLU A 315 -11.00 19.35 12.63
C GLU A 315 -9.77 18.95 11.81
N ARG A 316 -8.59 19.31 12.30
CA ARG A 316 -7.36 19.06 11.56
C ARG A 316 -7.16 17.57 11.34
N GLU A 317 -7.46 16.79 12.38
CA GLU A 317 -7.35 15.34 12.31
C GLU A 317 -8.36 14.73 11.35
N SER A 318 -9.57 15.29 11.33
CA SER A 318 -10.60 14.82 10.42
C SER A 318 -10.23 15.13 8.97
N ILE A 319 -9.64 16.29 8.76
CA ILE A 319 -9.23 16.69 7.42
C ILE A 319 -8.07 15.84 6.95
N MET A 320 -7.23 15.42 7.89
CA MET A 320 -6.11 14.55 7.58
C MET A 320 -6.64 13.18 7.18
N LYS A 321 -7.73 12.76 7.81
CA LYS A 321 -8.37 11.51 7.46
C LYS A 321 -8.88 11.55 6.03
N GLU A 322 -9.55 12.66 5.68
CA GLU A 322 -10.10 12.86 4.34
C GLU A 322 -9.00 12.80 3.28
N PHE A 323 -7.89 13.46 3.56
CA PHE A 323 -6.73 13.48 2.67
C PHE A 323 -6.10 12.09 2.55
N ARG A 324 -5.97 11.39 3.68
CA ARG A 324 -5.36 10.07 3.69
C ARG A 324 -6.23 9.09 2.92
N SER A 325 -7.53 9.35 2.89
CA SER A 325 -8.50 8.46 2.25
C SER A 325 -8.45 8.62 0.74
N GLY A 326 -7.86 9.73 0.30
CA GLY A 326 -7.69 9.97 -1.12
C GLY A 326 -8.76 10.88 -1.72
N ALA A 327 -9.69 11.34 -0.87
CA ALA A 327 -10.72 12.30 -1.29
C ALA A 327 -10.12 13.56 -1.92
N SER A 328 -8.95 13.96 -1.47
CA SER A 328 -8.20 15.02 -2.12
C SER A 328 -6.79 14.54 -2.42
N ARG A 329 -6.20 15.07 -3.48
CA ARG A 329 -4.83 14.73 -3.84
C ARG A 329 -3.80 15.79 -3.45
N VAL A 330 -4.29 16.93 -2.95
CA VAL A 330 -3.40 17.98 -2.45
C VAL A 330 -3.80 18.36 -1.04
N LEU A 331 -2.82 18.38 -0.12
CA LEU A 331 -3.05 18.89 1.22
C LEU A 331 -2.24 20.17 1.41
N ILE A 332 -2.94 21.26 1.73
CA ILE A 332 -2.28 22.54 1.96
C ILE A 332 -2.41 22.95 3.42
N SER A 333 -1.26 23.24 4.05
CA SER A 333 -1.21 23.44 5.49
C SER A 333 -0.23 24.54 5.95
N THR A 334 -0.52 25.11 7.11
CA THR A 334 0.47 25.92 7.79
C THR A 334 1.24 24.96 8.69
N ASP A 335 2.06 25.49 9.56
CA ASP A 335 2.79 24.67 10.51
C ASP A 335 1.89 24.29 11.70
N VAL A 336 1.28 23.11 11.62
CA VAL A 336 0.40 22.63 12.68
C VAL A 336 0.81 21.24 13.19
N TRP A 337 1.61 20.53 12.39
CA TRP A 337 2.08 19.20 12.78
C TRP A 337 3.53 19.22 13.25
N GLY A 340 6.30 16.03 12.20
CA GLY A 340 6.38 15.40 10.89
C GLY A 340 5.04 14.86 10.44
N LEU A 341 4.97 14.44 9.18
CA LEU A 341 3.75 13.88 8.61
C LEU A 341 3.86 12.37 8.38
N ASP A 342 2.72 11.68 8.47
CA ASP A 342 2.65 10.26 8.09
C ASP A 342 1.66 10.10 6.95
N VAL A 343 2.17 10.14 5.72
CA VAL A 343 1.32 10.01 4.55
C VAL A 343 2.03 9.18 3.48
N PRO A 344 1.85 7.86 3.55
CA PRO A 344 2.52 6.88 2.69
C PRO A 344 2.26 7.11 1.20
N GLN A 345 1.15 7.77 0.88
CA GLN A 345 0.82 8.03 -0.52
C GLN A 345 1.31 9.40 -1.00
N VAL A 346 1.95 10.14 -0.09
CA VAL A 346 2.48 11.46 -0.47
C VAL A 346 3.78 11.33 -1.25
N SER A 347 3.78 11.84 -2.47
CA SER A 347 4.91 11.72 -3.38
C SER A 347 5.97 12.79 -3.14
N LEU A 348 5.55 13.91 -2.59
CA LEU A 348 6.38 15.11 -2.56
C LEU A 348 5.87 16.12 -1.55
N ILE A 349 6.77 16.83 -0.90
CA ILE A 349 6.37 17.97 -0.08
C ILE A 349 6.93 19.23 -0.71
N ILE A 350 6.06 20.22 -0.91
CA ILE A 350 6.48 21.49 -1.49
C ILE A 350 6.37 22.57 -0.42
N ASN A 351 7.50 23.24 -0.17
CA ASN A 351 7.54 24.42 0.69
C ASN A 351 7.26 25.66 -0.17
N TYR A 352 5.99 25.96 -0.35
CA TYR A 352 5.56 27.07 -1.18
C TYR A 352 6.12 28.32 -0.53
N ASP A 353 6.04 28.37 0.80
CA ASP A 353 6.80 29.33 1.59
C ASP A 353 7.90 28.63 2.36
N LEU A 354 9.04 29.30 2.44
CA LEU A 354 10.11 28.93 3.36
C LEU A 354 9.80 29.56 4.71
N PRO A 355 9.78 28.75 5.76
CA PRO A 355 9.48 29.21 7.12
C PRO A 355 10.45 30.29 7.59
N ASN A 356 9.92 31.32 8.25
CA ASN A 356 10.73 32.41 8.75
C ASN A 356 11.62 31.89 9.87
N ASN A 357 11.07 31.01 10.70
CA ASN A 357 11.83 30.32 11.71
C ASN A 357 12.50 29.09 11.10
N ARG A 358 13.74 28.84 11.46
CA ARG A 358 14.50 27.73 10.88
C ARG A 358 14.13 26.36 11.45
N GLU A 359 13.61 26.34 12.68
CA GLU A 359 13.33 25.07 13.35
C GLU A 359 12.09 24.37 12.81
N LEU A 360 11.21 25.12 12.15
CA LEU A 360 9.99 24.57 11.60
C LEU A 360 10.28 23.74 10.35
N TYR A 361 11.44 23.96 9.73
CA TYR A 361 11.76 23.29 8.47
C TYR A 361 11.76 21.77 8.60
N ILE A 362 12.53 21.25 9.56
CA ILE A 362 12.63 19.81 9.74
C ILE A 362 11.28 19.22 10.16
N HIS A 363 10.48 19.98 10.90
CA HIS A 363 9.17 19.51 11.34
C HIS A 363 8.19 19.37 10.19
N ARG A 364 8.43 20.16 9.14
CA ARG A 364 7.70 20.00 7.90
C ARG A 364 8.13 18.75 7.14
N ILE A 365 9.43 18.59 6.92
CA ILE A 365 9.88 17.57 5.95
C ILE A 365 10.72 16.43 6.55
N GLY A 366 10.91 16.45 7.86
CA GLY A 366 11.77 15.47 8.49
C GLY A 366 11.22 14.06 8.52
N ARG A 367 12.14 13.09 8.53
CA ARG A 367 11.82 11.67 8.75
C ARG A 367 11.73 11.39 10.24
N SER A 368 10.61 10.86 10.69
CA SER A 368 10.46 10.48 12.09
C SER A 368 10.65 8.97 12.27
N GLY A 369 11.34 8.58 13.34
CA GLY A 369 11.55 7.19 13.66
C GLY A 369 12.74 6.61 12.92
N ARG A 370 13.18 5.43 13.33
CA ARG A 370 14.28 4.79 12.61
C ARG A 370 13.83 4.31 11.23
N TYR A 371 12.53 4.12 11.05
CA TYR A 371 12.00 3.59 9.79
C TYR A 371 11.20 4.62 8.99
N GLY A 372 11.32 5.90 9.33
CA GLY A 372 10.63 6.95 8.60
C GLY A 372 10.85 6.84 7.11
N ARG A 373 9.80 7.09 6.34
CA ARG A 373 9.88 7.01 4.89
C ARG A 373 10.87 7.99 4.27
N LYS A 374 11.64 7.52 3.29
CA LYS A 374 12.41 8.40 2.44
C LYS A 374 11.44 9.41 1.81
N GLY A 375 11.93 10.55 1.37
CA GLY A 375 11.04 11.54 0.81
C GLY A 375 11.71 12.53 -0.14
N VAL A 376 10.92 13.47 -0.63
CA VAL A 376 11.42 14.50 -1.51
C VAL A 376 10.78 15.83 -1.15
N ALA A 377 11.60 16.86 -0.99
CA ALA A 377 11.09 18.19 -0.68
C ALA A 377 11.56 19.21 -1.72
N ILE A 378 10.64 20.07 -2.16
CA ILE A 378 10.94 21.10 -3.14
C ILE A 378 10.64 22.48 -2.55
N ASN A 379 11.69 23.29 -2.37
CA ASN A 379 11.53 24.61 -1.74
C ASN A 379 11.46 25.72 -2.77
N PHE A 380 10.38 26.52 -2.72
CA PHE A 380 10.30 27.72 -3.54
C PHE A 380 11.01 28.83 -2.81
N VAL A 381 12.02 29.40 -3.46
CA VAL A 381 12.86 30.42 -2.82
C VAL A 381 12.88 31.73 -3.60
N LYS A 382 12.34 32.78 -2.99
CA LYS A 382 12.44 34.13 -3.54
C LYS A 382 13.81 34.70 -3.19
N ASN A 383 14.28 35.69 -3.95
CA ASN A 383 15.53 36.37 -3.60
C ASN A 383 15.41 36.92 -2.19
N ASP A 384 14.19 37.31 -1.84
CA ASP A 384 13.83 37.77 -0.51
C ASP A 384 14.16 36.73 0.56
N ASP A 385 14.18 35.47 0.14
CA ASP A 385 14.39 34.34 1.04
C ASP A 385 15.77 33.74 0.87
N ILE A 386 16.59 34.37 0.03
CA ILE A 386 17.91 33.84 -0.28
C ILE A 386 18.71 33.58 1.00
N ARG A 387 18.61 34.53 1.94
CA ARG A 387 19.29 34.38 3.23
C ARG A 387 18.65 33.35 4.16
N ILE A 388 17.31 33.28 4.19
CA ILE A 388 16.63 32.29 5.03
C ILE A 388 16.90 30.85 4.58
N LEU A 389 16.93 30.64 3.27
CA LEU A 389 17.35 29.36 2.71
C LEU A 389 18.75 28.99 3.20
N ARG A 390 19.67 29.94 3.11
CA ARG A 390 21.05 29.70 3.50
C ARG A 390 21.14 29.44 5.00
N ASP A 391 20.33 30.18 5.76
CA ASP A 391 20.22 29.98 7.19
C ASP A 391 19.85 28.53 7.53
N ILE A 392 18.82 28.03 6.84
CA ILE A 392 18.37 26.65 7.01
C ILE A 392 19.48 25.62 6.74
N GLU A 393 20.14 25.78 5.60
CA GLU A 393 21.24 24.91 5.21
C GLU A 393 22.33 24.84 6.29
N GLN A 394 22.72 26.01 6.78
CA GLN A 394 23.75 26.10 7.81
C GLN A 394 23.27 25.44 9.11
N TYR A 395 22.07 25.81 9.56
CA TYR A 395 21.53 25.34 10.83
C TYR A 395 21.45 23.81 10.98
N TYR A 396 20.91 23.13 9.98
CA TYR A 396 20.80 21.67 10.05
C TYR A 396 22.04 20.95 9.52
N SER A 397 23.01 21.73 9.06
CA SER A 397 24.21 21.19 8.40
C SER A 397 23.81 20.24 7.28
N THR A 398 22.87 20.65 6.43
CA THR A 398 22.38 19.78 5.37
C THR A 398 22.64 20.38 3.98
N GLN A 399 22.16 19.70 2.94
CA GLN A 399 22.38 20.18 1.58
C GLN A 399 21.07 20.23 0.80
N ILE A 400 20.87 21.33 0.08
CA ILE A 400 19.64 21.56 -0.66
C ILE A 400 20.01 22.05 -2.05
N ASP A 401 19.94 21.16 -3.02
CA ASP A 401 20.46 21.44 -4.34
C ASP A 401 19.47 22.23 -5.18
N GLU A 402 19.99 22.93 -6.19
CA GLU A 402 19.13 23.54 -7.19
C GLU A 402 18.45 22.43 -7.98
N MET A 403 17.14 22.52 -8.15
CA MET A 403 16.41 21.43 -8.78
C MET A 403 16.77 21.27 -10.25
N PRO A 404 17.17 20.05 -10.65
CA PRO A 404 17.56 19.75 -12.02
C PRO A 404 16.34 19.50 -12.91
N MET A 405 16.50 19.68 -14.23
CA MET A 405 15.38 19.52 -15.16
C MET A 405 14.86 18.08 -15.19
N ASN A 406 15.77 17.13 -14.98
CA ASN A 406 15.40 15.73 -14.98
C ASN A 406 14.99 15.25 -13.60
N VAL A 407 14.43 16.15 -12.79
CA VAL A 407 14.02 15.78 -11.44
C VAL A 407 12.96 14.69 -11.45
N ALA A 408 12.12 14.69 -12.47
CA ALA A 408 11.07 13.68 -12.63
C ALA A 408 11.61 12.25 -12.57
N ASP A 409 12.83 12.05 -13.04
CA ASP A 409 13.46 10.73 -13.00
C ASP A 409 13.81 10.34 -11.58
N LEU A 410 14.15 11.33 -10.76
CA LEU A 410 14.53 11.10 -9.36
C LEU A 410 13.31 11.09 -8.46
N ILE A 411 12.13 11.20 -9.07
CA ILE A 411 10.87 11.24 -8.33
C ILE A 411 10.83 12.48 -7.44
N ASP B 8 17.49 3.15 -17.50
CA ASP B 8 18.27 3.92 -16.53
C ASP B 8 19.71 4.17 -17.00
N PRO B 9 20.49 3.10 -17.20
CA PRO B 9 21.83 3.29 -17.77
C PRO B 9 21.75 3.36 -19.30
N LEU B 10 20.57 3.06 -19.83
CA LEU B 10 20.33 3.15 -21.27
C LEU B 10 19.88 4.54 -21.70
N LEU B 11 18.88 5.07 -21.01
CA LEU B 11 18.30 6.37 -21.36
C LEU B 11 19.30 7.52 -21.18
N THR B 12 19.30 8.44 -22.16
CA THR B 12 20.28 9.52 -22.16
C THR B 12 20.00 10.50 -21.04
N ARG B 13 21.08 11.04 -20.48
CA ARG B 13 21.00 11.83 -19.26
C ARG B 13 21.03 13.34 -19.56
N THR B 14 19.94 14.03 -19.19
CA THR B 14 19.80 15.46 -19.46
C THR B 14 19.81 16.32 -18.19
N GLY B 15 20.98 16.82 -17.82
CA GLY B 15 21.13 17.62 -16.61
C GLY B 15 20.84 19.10 -16.80
N GLY B 16 21.22 19.89 -15.80
CA GLY B 16 20.95 21.32 -15.82
C GLY B 16 19.84 21.71 -14.85
N ALA B 17 19.80 22.99 -14.48
CA ALA B 17 18.80 23.46 -13.54
C ALA B 17 17.42 23.60 -14.18
N TYR B 18 16.38 23.23 -13.44
CA TYR B 18 15.02 23.52 -13.87
C TYR B 18 14.84 25.04 -13.91
N ILE B 19 14.17 25.52 -14.95
CA ILE B 19 13.94 26.94 -15.09
C ILE B 19 12.45 27.25 -15.11
N PRO B 20 11.98 28.01 -14.12
CA PRO B 20 10.57 28.40 -13.99
C PRO B 20 10.07 29.15 -15.23
N PRO B 21 8.90 28.73 -15.74
CA PRO B 21 8.27 29.26 -16.96
C PRO B 21 8.23 30.79 -16.99
N ALA B 22 7.88 31.40 -15.87
CA ALA B 22 7.87 32.85 -15.78
C ALA B 22 9.25 33.42 -16.12
N LYS B 23 10.29 32.74 -15.64
CA LYS B 23 11.66 33.14 -15.92
C LYS B 23 11.97 32.98 -17.40
N LEU B 24 11.69 31.79 -17.94
CA LEU B 24 12.02 31.45 -19.32
C LEU B 24 11.43 32.46 -20.31
N ARG B 25 10.23 32.95 -20.01
CA ARG B 25 9.56 33.87 -20.91
C ARG B 25 9.99 35.31 -20.68
N MET B 26 10.70 35.56 -19.58
CA MET B 26 11.14 36.91 -19.25
C MET B 26 12.28 37.35 -20.17
N LYS B 34 12.02 25.82 -39.98
CA LYS B 34 10.97 26.79 -40.31
C LYS B 34 9.96 26.93 -39.18
N ASN B 35 8.85 27.63 -39.45
CA ASN B 35 7.84 27.87 -38.43
C ASN B 35 6.89 26.68 -38.25
N SER B 36 6.53 26.04 -39.35
CA SER B 36 5.65 24.86 -39.27
C SER B 36 6.19 23.84 -38.27
N LEU B 37 7.48 23.50 -38.39
CA LEU B 37 8.12 22.59 -37.44
C LEU B 37 8.10 23.17 -36.03
N ALA B 38 8.52 24.42 -35.92
CA ALA B 38 8.56 25.10 -34.64
C ALA B 38 7.19 25.13 -33.97
N TYR B 39 6.14 25.41 -34.74
CA TYR B 39 4.80 25.47 -34.16
C TYR B 39 4.26 24.09 -33.78
N GLN B 40 4.48 23.11 -34.64
CA GLN B 40 4.06 21.76 -34.32
C GLN B 40 4.75 21.27 -33.05
N ARG B 41 6.05 21.53 -32.94
CA ARG B 41 6.80 21.11 -31.76
C ARG B 41 6.28 21.79 -30.50
N MET B 42 6.10 23.11 -30.57
CA MET B 42 5.58 23.87 -29.43
C MET B 42 4.20 23.38 -29.01
N SER B 43 3.30 23.23 -29.97
CA SER B 43 1.96 22.70 -29.68
C SER B 43 2.03 21.28 -29.10
N TRP B 44 2.94 20.47 -29.62
CA TRP B 44 3.17 19.14 -29.05
C TRP B 44 3.59 19.22 -27.57
N GLU B 45 4.54 20.11 -27.27
CA GLU B 45 5.02 20.24 -25.89
C GLU B 45 3.95 20.76 -24.93
N ALA B 46 3.15 21.72 -25.38
CA ALA B 46 2.04 22.19 -24.57
C ALA B 46 1.01 21.07 -24.36
N LEU B 47 0.76 20.28 -25.39
CA LEU B 47 -0.23 19.21 -25.29
C LEU B 47 0.19 18.19 -24.22
N LYS B 48 1.48 17.86 -24.20
CA LYS B 48 2.00 16.83 -23.28
C LYS B 48 1.84 17.30 -21.84
N LYS B 49 2.22 18.55 -21.61
CA LYS B 49 2.09 19.18 -20.31
C LYS B 49 0.63 19.26 -19.85
N SER B 50 -0.25 19.72 -20.73
CA SER B 50 -1.66 19.83 -20.38
C SER B 50 -2.23 18.47 -19.95
N ILE B 51 -2.02 17.45 -20.76
CA ILE B 51 -2.43 16.10 -20.39
C ILE B 51 -1.85 15.65 -19.04
N ASN B 52 -0.55 15.87 -18.86
CA ASN B 52 0.12 15.47 -17.63
C ASN B 52 -0.55 16.12 -16.42
N GLY B 53 -0.79 17.42 -16.50
CA GLY B 53 -1.49 18.11 -15.42
C GLY B 53 -2.87 17.52 -15.15
N LEU B 54 -3.67 17.38 -16.20
CA LEU B 54 -5.02 16.83 -16.04
C LEU B 54 -5.00 15.46 -15.35
N ILE B 55 -4.05 14.63 -15.74
CA ILE B 55 -3.96 13.28 -15.16
C ILE B 55 -3.58 13.34 -13.69
N ASN B 56 -2.70 14.27 -13.32
CA ASN B 56 -2.36 14.49 -11.92
C ASN B 56 -3.55 15.03 -11.09
N LYS B 57 -4.40 15.83 -11.73
CA LYS B 57 -5.53 16.43 -11.02
C LYS B 57 -6.70 15.49 -10.78
N VAL B 58 -6.89 14.50 -11.66
CA VAL B 58 -8.14 13.77 -11.66
C VAL B 58 -8.41 12.99 -10.37
N ASN B 59 -9.66 13.05 -9.93
CA ASN B 59 -10.14 12.34 -8.76
C ASN B 59 -11.63 12.12 -8.96
N ILE B 60 -12.32 11.63 -7.93
CA ILE B 60 -13.73 11.31 -8.08
C ILE B 60 -14.60 12.55 -8.20
N SER B 61 -14.35 13.56 -7.36
CA SER B 61 -15.22 14.71 -7.29
C SER B 61 -15.11 15.62 -8.50
N ASN B 62 -14.04 15.49 -9.28
CA ASN B 62 -13.85 16.43 -10.38
C ASN B 62 -13.76 15.79 -11.76
N ILE B 63 -14.07 14.50 -11.86
CA ILE B 63 -13.81 13.77 -13.10
C ILE B 63 -14.47 14.43 -14.31
N SER B 64 -15.70 14.91 -14.13
CA SER B 64 -16.42 15.53 -15.24
C SER B 64 -15.73 16.75 -15.82
N ILE B 65 -15.25 17.66 -14.96
CA ILE B 65 -14.52 18.81 -15.46
C ILE B 65 -13.21 18.39 -16.12
N ILE B 66 -12.53 17.40 -15.54
CA ILE B 66 -11.30 16.91 -16.12
C ILE B 66 -11.53 16.41 -17.54
N ILE B 67 -12.60 15.63 -17.72
CA ILE B 67 -12.96 15.13 -19.05
C ILE B 67 -13.17 16.28 -20.01
N GLN B 68 -13.94 17.27 -19.57
CA GLN B 68 -14.23 18.41 -20.41
C GLN B 68 -12.98 19.17 -20.82
N GLU B 69 -12.05 19.31 -19.89
CA GLU B 69 -10.81 20.00 -20.19
C GLU B 69 -9.92 19.15 -21.09
N LEU B 70 -9.92 17.84 -20.85
CA LEU B 70 -9.13 16.93 -21.68
C LEU B 70 -9.62 16.91 -23.13
N LEU B 71 -10.93 16.93 -23.32
CA LEU B 71 -11.53 16.87 -24.66
C LEU B 71 -11.20 18.09 -25.52
N GLN B 72 -10.88 19.21 -24.85
CA GLN B 72 -10.49 20.42 -25.57
C GLN B 72 -9.15 20.23 -26.28
N GLU B 73 -8.35 19.30 -25.78
CA GLU B 73 -7.04 18.99 -26.35
C GLU B 73 -7.19 17.97 -27.47
N ASN B 74 -6.28 18.00 -28.43
CA ASN B 74 -6.27 17.02 -29.51
C ASN B 74 -5.72 15.70 -28.98
N ILE B 75 -6.59 14.92 -28.34
CA ILE B 75 -6.20 13.63 -27.77
C ILE B 75 -6.16 12.51 -28.80
N VAL B 76 -6.51 12.84 -30.05
CA VAL B 76 -6.30 11.93 -31.16
C VAL B 76 -4.82 11.98 -31.56
N ARG B 77 -4.36 13.17 -31.93
CA ARG B 77 -2.94 13.41 -32.16
C ARG B 77 -2.12 12.96 -30.94
N GLY B 78 -2.64 13.23 -29.75
CA GLY B 78 -1.93 12.90 -28.52
C GLY B 78 -2.41 11.65 -27.84
N ARG B 79 -2.97 10.71 -28.60
CA ARG B 79 -3.53 9.50 -28.01
C ARG B 79 -2.45 8.65 -27.33
N GLY B 80 -1.23 8.68 -27.89
CA GLY B 80 -0.11 7.98 -27.28
C GLY B 80 0.33 8.67 -26.01
N LEU B 81 0.41 9.99 -26.07
CA LEU B 81 0.72 10.82 -24.91
C LEU B 81 -0.27 10.58 -23.75
N LEU B 82 -1.56 10.60 -24.08
CA LEU B 82 -2.61 10.37 -23.10
C LEU B 82 -2.54 8.96 -22.51
N SER B 83 -2.33 7.97 -23.38
CA SER B 83 -2.23 6.59 -22.94
C SER B 83 -1.05 6.45 -21.99
N ARG B 84 0.09 7.01 -22.38
CA ARG B 84 1.29 6.93 -21.55
C ARG B 84 1.08 7.59 -20.18
N SER B 85 0.44 8.78 -20.17
CA SER B 85 0.24 9.49 -18.91
CA SER B 85 0.22 9.51 -18.92
C SER B 85 -0.70 8.72 -17.98
N VAL B 86 -1.79 8.20 -18.52
CA VAL B 86 -2.70 7.40 -17.73
C VAL B 86 -2.02 6.13 -17.20
N LEU B 87 -1.29 5.44 -18.06
CA LEU B 87 -0.59 4.22 -17.62
C LEU B 87 0.50 4.49 -16.57
N GLN B 88 1.30 5.54 -16.76
CA GLN B 88 2.31 5.87 -15.76
C GLN B 88 1.65 6.30 -14.45
N ALA B 89 0.58 7.09 -14.54
CA ALA B 89 -0.11 7.56 -13.35
C ALA B 89 -0.65 6.41 -12.50
N GLN B 90 -1.36 5.48 -13.15
CA GLN B 90 -1.94 4.36 -12.44
C GLN B 90 -0.84 3.47 -11.84
N SER B 91 0.26 3.30 -12.57
CA SER B 91 1.38 2.52 -12.04
C SER B 91 1.95 3.13 -10.77
N ALA B 92 2.07 4.46 -10.75
CA ALA B 92 2.64 5.13 -9.58
C ALA B 92 1.59 5.35 -8.50
N SER B 93 0.31 5.38 -8.90
CA SER B 93 -0.74 5.71 -7.95
C SER B 93 -1.94 4.79 -8.06
N PRO B 94 -1.73 3.47 -7.88
CA PRO B 94 -2.80 2.48 -7.99
C PRO B 94 -3.93 2.74 -7.01
N ILE B 95 -3.69 3.59 -6.00
CA ILE B 95 -4.76 3.97 -5.07
C ILE B 95 -5.92 4.66 -5.82
N PHE B 96 -5.62 5.21 -7.00
CA PHE B 96 -6.62 5.92 -7.80
C PHE B 96 -7.01 5.16 -9.05
N THR B 97 -6.75 3.85 -9.06
CA THR B 97 -7.03 3.01 -10.21
C THR B 97 -8.48 3.12 -10.67
N HIS B 98 -9.40 3.10 -9.70
CA HIS B 98 -10.81 3.15 -10.00
C HIS B 98 -11.14 4.42 -10.77
N VAL B 99 -10.47 5.53 -10.39
CA VAL B 99 -10.71 6.83 -11.02
C VAL B 99 -10.12 6.88 -12.44
N TYR B 100 -8.93 6.31 -12.62
CA TYR B 100 -8.32 6.21 -13.95
C TYR B 100 -9.16 5.32 -14.86
N ALA B 101 -9.79 4.32 -14.29
CA ALA B 101 -10.61 3.41 -15.08
C ALA B 101 -11.85 4.16 -15.57
N ALA B 102 -12.43 4.98 -14.69
CA ALA B 102 -13.62 5.73 -15.06
C ALA B 102 -13.29 6.77 -16.12
N LEU B 103 -12.12 7.38 -15.99
CA LEU B 103 -11.63 8.33 -16.98
C LEU B 103 -11.45 7.66 -18.34
N VAL B 104 -10.77 6.52 -18.35
CA VAL B 104 -10.60 5.77 -19.58
C VAL B 104 -11.96 5.40 -20.16
N ALA B 105 -12.89 5.00 -19.29
CA ALA B 105 -14.21 4.58 -19.74
C ALA B 105 -14.91 5.71 -20.47
N ILE B 106 -14.81 6.92 -19.94
CA ILE B 106 -15.47 8.05 -20.59
C ILE B 106 -14.81 8.33 -21.94
N ILE B 107 -13.48 8.39 -21.98
CA ILE B 107 -12.77 8.66 -23.23
C ILE B 107 -13.07 7.59 -24.29
N ASN B 108 -13.04 6.33 -23.88
CA ASN B 108 -13.28 5.21 -24.77
C ASN B 108 -14.67 5.27 -25.43
N SER B 109 -15.64 5.81 -24.70
CA SER B 109 -17.00 5.86 -25.19
C SER B 109 -17.09 6.84 -26.36
N LYS B 110 -16.17 7.80 -26.39
CA LYS B 110 -16.11 8.78 -27.45
C LYS B 110 -15.04 8.41 -28.48
N PHE B 111 -13.95 7.82 -28.02
CA PHE B 111 -12.84 7.42 -28.88
C PHE B 111 -12.42 6.00 -28.53
N PRO B 112 -13.12 4.99 -29.07
CA PRO B 112 -12.83 3.60 -28.73
C PRO B 112 -11.39 3.20 -29.08
N GLN B 113 -10.85 3.77 -30.14
CA GLN B 113 -9.50 3.45 -30.58
C GLN B 113 -8.47 3.86 -29.52
N ILE B 114 -8.78 4.90 -28.75
CA ILE B 114 -7.88 5.33 -27.67
C ILE B 114 -7.95 4.38 -26.47
N GLY B 115 -9.15 3.98 -26.09
CA GLY B 115 -9.31 2.96 -25.06
C GLY B 115 -8.62 1.66 -25.45
N GLU B 116 -8.70 1.32 -26.74
CA GLU B 116 -8.05 0.10 -27.24
C GLU B 116 -6.53 0.19 -27.14
N LEU B 117 -5.99 1.36 -27.43
CA LEU B 117 -4.54 1.61 -27.30
C LEU B 117 -4.08 1.50 -25.85
N ILE B 118 -4.86 2.03 -24.92
CA ILE B 118 -4.53 1.90 -23.50
C ILE B 118 -4.54 0.44 -23.05
N LEU B 119 -5.62 -0.26 -23.39
CA LEU B 119 -5.74 -1.68 -23.08
C LEU B 119 -4.61 -2.54 -23.64
N LYS B 120 -4.26 -2.33 -24.91
CA LYS B 120 -3.17 -3.09 -25.55
C LYS B 120 -1.87 -2.95 -24.77
N ARG B 121 -1.53 -1.72 -24.40
CA ARG B 121 -0.31 -1.45 -23.65
C ARG B 121 -0.37 -2.01 -22.23
N LEU B 122 -1.51 -1.85 -21.56
CA LEU B 122 -1.71 -2.40 -20.22
C LEU B 122 -1.54 -3.92 -20.20
N ILE B 123 -2.12 -4.59 -21.20
CA ILE B 123 -1.97 -6.03 -21.32
C ILE B 123 -0.49 -6.39 -21.49
N LEU B 124 0.17 -5.72 -22.41
CA LEU B 124 1.61 -5.94 -22.59
C LEU B 124 2.40 -5.64 -21.31
N ASN B 125 2.01 -4.58 -20.58
CA ASN B 125 2.66 -4.28 -19.29
C ASN B 125 2.50 -5.41 -18.28
N PHE B 126 1.29 -5.97 -18.20
CA PHE B 126 1.10 -7.09 -17.29
C PHE B 126 2.01 -8.25 -17.67
N ARG B 127 2.06 -8.57 -18.96
CA ARG B 127 2.85 -9.71 -19.43
C ARG B 127 4.34 -9.49 -19.17
N LYS B 128 4.80 -8.26 -19.36
CA LYS B 128 6.19 -7.90 -19.05
C LYS B 128 6.48 -8.18 -17.59
N GLY B 129 5.62 -7.67 -16.71
CA GLY B 129 5.73 -7.92 -15.29
C GLY B 129 5.75 -9.39 -14.93
N TYR B 130 4.83 -10.16 -15.50
CA TYR B 130 4.77 -11.60 -15.24
C TYR B 130 6.08 -12.26 -15.66
N ARG B 131 6.51 -11.95 -16.88
CA ARG B 131 7.75 -12.47 -17.45
C ARG B 131 8.98 -12.13 -16.61
N ARG B 132 9.04 -10.90 -16.12
CA ARG B 132 10.17 -10.44 -15.33
C ARG B 132 10.04 -10.75 -13.85
N ASN B 133 8.95 -11.42 -13.47
CA ASN B 133 8.68 -11.66 -12.05
C ASN B 133 8.72 -10.36 -11.27
N ASP B 134 8.05 -9.34 -11.81
CA ASP B 134 7.95 -8.03 -11.19
C ASP B 134 6.60 -7.97 -10.50
N LYS B 135 6.55 -8.41 -9.24
CA LYS B 135 5.28 -8.52 -8.54
C LYS B 135 4.47 -7.22 -8.49
N GLN B 136 5.14 -6.12 -8.12
CA GLN B 136 4.48 -4.83 -8.01
CA GLN B 136 4.49 -4.81 -8.02
C GLN B 136 3.80 -4.43 -9.31
N LEU B 137 4.48 -4.59 -10.43
CA LEU B 137 3.88 -4.24 -11.71
C LEU B 137 2.73 -5.20 -12.04
N CYS B 138 2.85 -6.47 -11.66
CA CYS B 138 1.74 -7.40 -11.85
C CYS B 138 0.53 -6.97 -11.02
N LEU B 139 0.80 -6.52 -9.80
CA LEU B 139 -0.25 -6.11 -8.89
C LEU B 139 -1.00 -4.87 -9.42
N THR B 140 -0.26 -3.88 -9.89
CA THR B 140 -0.91 -2.64 -10.35
C THR B 140 -1.54 -2.76 -11.74
N ALA B 141 -0.85 -3.44 -12.65
CA ALA B 141 -1.42 -3.63 -13.99
C ALA B 141 -2.69 -4.47 -13.92
N SER B 142 -2.65 -5.55 -13.14
CA SER B 142 -3.86 -6.37 -12.99
C SER B 142 -4.99 -5.55 -12.34
N LYS B 143 -4.69 -4.82 -11.28
CA LYS B 143 -5.69 -3.95 -10.67
C LYS B 143 -6.37 -3.03 -11.69
N PHE B 144 -5.59 -2.51 -12.64
CA PHE B 144 -6.14 -1.64 -13.67
C PHE B 144 -7.08 -2.44 -14.58
N VAL B 145 -6.60 -3.60 -15.04
CA VAL B 145 -7.42 -4.48 -15.85
C VAL B 145 -8.77 -4.74 -15.19
N ALA B 146 -8.76 -5.07 -13.90
CA ALA B 146 -9.98 -5.37 -13.17
C ALA B 146 -10.99 -4.24 -13.29
N HIS B 147 -10.51 -3.01 -13.09
CA HIS B 147 -11.41 -1.86 -13.14
C HIS B 147 -11.82 -1.42 -14.52
N LEU B 148 -11.00 -1.69 -15.54
CA LEU B 148 -11.45 -1.46 -16.90
C LEU B 148 -12.55 -2.49 -17.24
N ILE B 149 -12.48 -3.69 -16.66
CA ILE B 149 -13.55 -4.68 -16.80
C ILE B 149 -14.81 -4.22 -16.08
N ASN B 150 -14.65 -3.74 -14.85
CA ASN B 150 -15.75 -3.19 -14.07
C ASN B 150 -16.48 -2.09 -14.84
N GLN B 151 -15.72 -1.36 -15.65
CA GLN B 151 -16.24 -0.24 -16.43
C GLN B 151 -16.68 -0.61 -17.84
N ASN B 152 -16.65 -1.91 -18.16
CA ASN B 152 -17.09 -2.42 -19.46
C ASN B 152 -16.26 -1.92 -20.64
N VAL B 153 -15.04 -1.50 -20.35
CA VAL B 153 -14.12 -1.07 -21.40
C VAL B 153 -13.42 -2.27 -21.99
N ALA B 154 -13.16 -3.27 -21.15
CA ALA B 154 -12.54 -4.53 -21.60
C ALA B 154 -13.41 -5.75 -21.28
N HIS B 155 -13.38 -6.73 -22.17
CA HIS B 155 -14.10 -7.98 -21.97
C HIS B 155 -13.46 -8.86 -20.87
N GLU B 156 -14.32 -9.47 -20.05
CA GLU B 156 -13.93 -10.30 -18.92
C GLU B 156 -13.09 -11.55 -19.30
N VAL B 157 -13.05 -11.91 -20.57
CA VAL B 157 -12.24 -13.05 -21.00
C VAL B 157 -10.77 -12.80 -20.61
N LEU B 158 -10.38 -11.53 -20.58
CA LEU B 158 -9.01 -11.16 -20.21
C LEU B 158 -8.72 -11.48 -18.76
N CYS B 159 -9.63 -11.15 -17.85
CA CYS B 159 -9.52 -11.50 -16.44
C CYS B 159 -9.36 -13.01 -16.24
N LEU B 160 -10.26 -13.76 -16.86
CA LEU B 160 -10.26 -15.22 -16.71
C LEU B 160 -8.94 -15.83 -17.18
N GLU B 161 -8.43 -15.37 -18.31
CA GLU B 161 -7.17 -15.86 -18.86
C GLU B 161 -5.96 -15.50 -17.98
N MET B 162 -5.95 -14.29 -17.45
CA MET B 162 -4.88 -13.88 -16.53
C MET B 162 -4.90 -14.71 -15.25
N LEU B 163 -6.09 -14.94 -14.70
CA LEU B 163 -6.23 -15.75 -13.49
C LEU B 163 -5.79 -17.21 -13.71
N THR B 164 -6.15 -17.76 -14.87
CA THR B 164 -5.72 -19.12 -15.22
C THR B 164 -4.19 -19.19 -15.30
N LEU B 165 -3.60 -18.24 -16.01
CA LEU B 165 -2.14 -18.14 -16.09
C LEU B 165 -1.50 -18.09 -14.69
N LEU B 166 -1.97 -17.17 -13.86
CA LEU B 166 -1.40 -17.00 -12.52
C LEU B 166 -1.55 -18.24 -11.65
N LEU B 167 -2.59 -19.02 -11.91
CA LEU B 167 -2.93 -20.13 -11.03
C LEU B 167 -2.48 -21.50 -11.51
N GLU B 168 -1.89 -21.56 -12.71
CA GLU B 168 -1.40 -22.81 -13.29
C GLU B 168 -0.28 -23.43 -12.46
N ARG B 169 0.80 -22.67 -12.29
CA ARG B 169 1.89 -23.08 -11.42
C ARG B 169 1.94 -22.10 -10.27
N PRO B 170 1.04 -22.29 -9.29
CA PRO B 170 0.85 -21.30 -8.22
C PRO B 170 2.09 -21.08 -7.37
N THR B 171 2.57 -19.85 -7.33
CA THR B 171 3.62 -19.47 -6.40
C THR B 171 3.02 -18.48 -5.41
N ASP B 172 3.74 -18.23 -4.32
CA ASP B 172 3.31 -17.24 -3.35
C ASP B 172 2.96 -15.93 -4.05
N ASP B 173 3.85 -15.44 -4.89
CA ASP B 173 3.61 -14.21 -5.63
C ASP B 173 2.48 -14.32 -6.65
N SER B 174 2.41 -15.44 -7.38
CA SER B 174 1.39 -15.58 -8.43
C SER B 174 0.00 -15.65 -7.82
N VAL B 175 -0.13 -16.33 -6.68
CA VAL B 175 -1.39 -16.39 -5.96
C VAL B 175 -1.79 -15.03 -5.36
N GLU B 176 -0.81 -14.30 -4.82
CA GLU B 176 -1.07 -12.97 -4.29
C GLU B 176 -1.66 -12.07 -5.37
N VAL B 177 -1.02 -12.01 -6.53
CA VAL B 177 -1.52 -11.21 -7.64
C VAL B 177 -2.94 -11.62 -8.03
N ALA B 178 -3.14 -12.93 -8.15
CA ALA B 178 -4.42 -13.48 -8.58
C ALA B 178 -5.54 -13.13 -7.60
N ILE B 179 -5.27 -13.25 -6.30
CA ILE B 179 -6.29 -13.00 -5.30
C ILE B 179 -6.64 -11.51 -5.21
N GLY B 180 -5.64 -10.64 -5.25
CA GLY B 180 -5.88 -9.21 -5.21
C GLY B 180 -6.70 -8.77 -6.43
N PHE B 181 -6.43 -9.43 -7.55
CA PHE B 181 -7.07 -9.16 -8.83
C PHE B 181 -8.53 -9.61 -8.81
N LEU B 182 -8.78 -10.80 -8.28
CA LEU B 182 -10.14 -11.36 -8.22
C LEU B 182 -11.02 -10.55 -7.29
N LYS B 183 -10.40 -9.96 -6.25
CA LYS B 183 -11.14 -9.11 -5.33
C LYS B 183 -11.75 -7.92 -6.06
N GLU B 184 -10.99 -7.39 -7.01
CA GLU B 184 -11.33 -6.12 -7.67
C GLU B 184 -12.35 -6.32 -8.79
N CYS B 185 -12.25 -7.43 -9.51
CA CYS B 185 -13.17 -7.68 -10.62
C CYS B 185 -14.17 -8.81 -10.34
N GLY B 186 -14.09 -9.40 -9.15
CA GLY B 186 -14.88 -10.59 -8.84
C GLY B 186 -16.39 -10.42 -8.91
N LEU B 187 -16.88 -9.30 -8.37
CA LEU B 187 -18.31 -9.05 -8.37
C LEU B 187 -18.81 -8.94 -9.80
N LYS B 188 -18.09 -8.16 -10.62
CA LYS B 188 -18.40 -8.08 -12.06
C LYS B 188 -18.36 -9.47 -12.71
N LEU B 189 -17.31 -10.23 -12.42
CA LEU B 189 -17.17 -11.56 -12.99
C LEU B 189 -18.39 -12.42 -12.70
N THR B 190 -18.84 -12.36 -11.46
CA THR B 190 -19.97 -13.14 -10.99
C THR B 190 -21.21 -12.84 -11.83
N GLN B 191 -21.36 -11.58 -12.22
CA GLN B 191 -22.53 -11.15 -12.97
C GLN B 191 -22.50 -11.56 -14.44
N VAL B 192 -21.36 -11.39 -15.11
CA VAL B 192 -21.28 -11.65 -16.55
C VAL B 192 -20.80 -13.06 -16.91
N SER B 193 -20.15 -13.73 -15.96
CA SER B 193 -19.58 -15.05 -16.24
C SER B 193 -19.48 -15.90 -14.98
N PRO B 194 -20.63 -16.24 -14.39
CA PRO B 194 -20.66 -17.01 -13.14
C PRO B 194 -19.94 -18.35 -13.25
N ARG B 195 -20.02 -19.02 -14.41
CA ARG B 195 -19.37 -20.32 -14.57
C ARG B 195 -17.85 -20.17 -14.63
N GLY B 196 -17.40 -19.07 -15.23
CA GLY B 196 -15.99 -18.76 -15.28
C GLY B 196 -15.39 -18.55 -13.91
N ILE B 197 -16.00 -17.67 -13.12
CA ILE B 197 -15.52 -17.41 -11.77
C ILE B 197 -15.64 -18.65 -10.89
N ASN B 198 -16.68 -19.46 -11.12
CA ASN B 198 -16.83 -20.76 -10.45
C ASN B 198 -15.64 -21.68 -10.72
N ALA B 199 -15.19 -21.70 -11.97
CA ALA B 199 -14.01 -22.46 -12.35
C ALA B 199 -12.76 -21.95 -11.62
N ILE B 200 -12.64 -20.64 -11.51
CA ILE B 200 -11.52 -20.06 -10.74
C ILE B 200 -11.54 -20.52 -9.29
N PHE B 201 -12.71 -20.41 -8.64
CA PHE B 201 -12.82 -20.84 -7.25
C PHE B 201 -12.56 -22.32 -7.02
N GLU B 202 -12.99 -23.15 -7.98
CA GLU B 202 -12.74 -24.58 -7.89
C GLU B 202 -11.23 -24.81 -7.95
N ARG B 203 -10.56 -24.08 -8.84
CA ARG B 203 -9.11 -24.17 -8.98
C ARG B 203 -8.41 -23.77 -7.69
N LEU B 204 -8.82 -22.64 -7.10
CA LEU B 204 -8.30 -22.22 -5.80
C LEU B 204 -8.53 -23.31 -4.75
N ARG B 205 -9.68 -23.98 -4.84
CA ARG B 205 -10.01 -25.02 -3.86
C ARG B 205 -9.06 -26.20 -3.99
N ASN B 206 -8.76 -26.57 -5.22
CA ASN B 206 -7.80 -27.64 -5.48
C ASN B 206 -6.41 -27.25 -4.98
N ILE B 207 -6.03 -25.99 -5.16
CA ILE B 207 -4.75 -25.52 -4.64
C ILE B 207 -4.75 -25.58 -3.12
N LEU B 208 -5.87 -25.19 -2.52
CA LEU B 208 -5.98 -25.15 -1.06
C LEU B 208 -5.91 -26.53 -0.40
N HIS B 209 -6.23 -27.58 -1.15
CA HIS B 209 -6.26 -28.93 -0.59
C HIS B 209 -5.38 -29.91 -1.36
N GLU B 210 -5.54 -29.92 -2.69
CA GLU B 210 -4.83 -30.86 -3.55
C GLU B 210 -3.43 -30.36 -3.90
N SER B 211 -2.87 -29.50 -3.05
CA SER B 211 -1.52 -28.98 -3.27
C SER B 211 -0.76 -28.83 -1.96
N GLU B 212 0.57 -28.80 -2.05
CA GLU B 212 1.42 -28.56 -0.89
C GLU B 212 1.77 -27.08 -0.80
N ILE B 213 1.00 -26.36 0.01
CA ILE B 213 1.10 -24.92 0.06
C ILE B 213 1.56 -24.44 1.43
N ASP B 214 2.10 -23.22 1.48
CA ASP B 214 2.52 -22.61 2.74
C ASP B 214 1.42 -21.77 3.36
N LYS B 215 1.69 -21.27 4.55
CA LYS B 215 0.71 -20.50 5.32
C LYS B 215 0.21 -19.29 4.54
N ARG B 216 1.13 -18.60 3.87
CA ARG B 216 0.83 -17.38 3.13
C ARG B 216 -0.22 -17.61 2.03
N VAL B 217 -0.06 -18.70 1.29
CA VAL B 217 -0.99 -19.04 0.21
C VAL B 217 -2.34 -19.49 0.76
N GLN B 218 -2.30 -20.37 1.74
CA GLN B 218 -3.50 -20.86 2.41
C GLN B 218 -4.33 -19.68 2.96
N TYR B 219 -3.66 -18.72 3.60
CA TYR B 219 -4.39 -17.57 4.14
C TYR B 219 -5.05 -16.69 3.08
N MET B 220 -4.34 -16.41 2.00
CA MET B 220 -4.86 -15.54 0.96
C MET B 220 -6.07 -16.17 0.27
N ILE B 221 -6.08 -17.50 0.19
CA ILE B 221 -7.18 -18.20 -0.44
C ILE B 221 -8.41 -18.23 0.46
N GLU B 222 -8.20 -18.49 1.76
CA GLU B 222 -9.30 -18.43 2.72
C GLU B 222 -9.91 -17.03 2.70
N VAL B 223 -9.08 -16.02 2.52
CA VAL B 223 -9.59 -14.66 2.41
C VAL B 223 -10.48 -14.52 1.18
N MET B 224 -10.05 -15.09 0.06
CA MET B 224 -10.82 -14.98 -1.18
C MET B 224 -12.18 -15.64 -1.07
N PHE B 225 -12.25 -16.80 -0.43
CA PHE B 225 -13.54 -17.46 -0.23
C PHE B 225 -14.42 -16.66 0.72
N ALA B 226 -13.79 -15.99 1.68
CA ALA B 226 -14.52 -15.17 2.64
C ALA B 226 -15.16 -13.98 1.95
N VAL B 227 -14.41 -13.37 1.03
CA VAL B 227 -14.91 -12.26 0.24
C VAL B 227 -16.09 -12.68 -0.63
N ARG B 228 -15.99 -13.83 -1.28
CA ARG B 228 -17.09 -14.33 -2.11
C ARG B 228 -18.34 -14.58 -1.28
N LYS B 229 -18.16 -15.11 -0.07
CA LYS B 229 -19.29 -15.38 0.79
C LYS B 229 -20.03 -14.10 1.22
N ASP B 230 -19.28 -13.04 1.54
CA ASP B 230 -19.95 -11.77 1.88
C ASP B 230 -20.43 -10.99 0.66
N GLY B 231 -20.32 -11.62 -0.51
CA GLY B 231 -20.76 -11.01 -1.75
C GLY B 231 -19.97 -9.81 -2.20
N PHE B 232 -18.66 -9.82 -1.93
CA PHE B 232 -17.78 -8.73 -2.33
C PHE B 232 -18.25 -7.36 -1.81
N LYS B 233 -18.77 -7.36 -0.58
CA LYS B 233 -19.34 -6.15 0.03
C LYS B 233 -18.37 -4.96 0.09
N ASP B 234 -17.07 -5.24 0.11
CA ASP B 234 -16.08 -4.17 0.18
C ASP B 234 -15.43 -3.93 -1.18
N HIS B 235 -15.96 -4.59 -2.20
CA HIS B 235 -15.41 -4.45 -3.55
C HIS B 235 -16.52 -4.31 -4.59
N PRO B 236 -17.19 -3.14 -4.60
CA PRO B 236 -18.29 -2.87 -5.52
C PRO B 236 -17.75 -2.70 -6.94
N ILE B 237 -18.60 -2.85 -7.94
CA ILE B 237 -18.12 -2.79 -9.32
C ILE B 237 -17.68 -1.38 -9.69
N ILE B 238 -18.54 -0.40 -9.42
CA ILE B 238 -18.23 1.00 -9.67
C ILE B 238 -18.72 1.87 -8.52
N LEU B 239 -17.80 2.68 -7.97
CA LEU B 239 -18.12 3.58 -6.87
C LEU B 239 -19.11 4.63 -7.32
N GLU B 240 -20.04 5.00 -6.44
CA GLU B 240 -20.98 6.08 -6.72
C GLU B 240 -20.24 7.36 -7.13
N GLY B 241 -20.52 7.85 -8.33
CA GLY B 241 -19.84 9.02 -8.85
C GLY B 241 -18.96 8.71 -10.04
N LEU B 242 -18.78 7.42 -10.32
CA LEU B 242 -17.86 7.00 -11.39
C LEU B 242 -18.56 6.24 -12.51
N ASP B 243 -19.83 5.89 -12.31
CA ASP B 243 -20.56 5.21 -13.37
C ASP B 243 -21.20 6.28 -14.23
N LEU B 244 -20.43 6.80 -15.18
CA LEU B 244 -20.80 8.00 -15.90
C LEU B 244 -21.04 7.77 -17.39
N VAL B 245 -20.83 6.54 -17.85
CA VAL B 245 -21.12 6.20 -19.24
C VAL B 245 -22.37 5.34 -19.34
N GLU B 246 -23.33 5.77 -20.15
CA GLU B 246 -24.53 4.98 -20.35
C GLU B 246 -24.16 3.61 -20.90
N GLU B 247 -24.77 2.58 -20.33
CA GLU B 247 -24.57 1.19 -20.76
C GLU B 247 -24.39 1.03 -22.27
N ASP B 248 -25.37 1.49 -23.04
CA ASP B 248 -25.35 1.30 -24.48
C ASP B 248 -24.38 2.20 -25.23
N ASP B 249 -23.75 3.14 -24.50
CA ASP B 249 -22.82 4.06 -25.13
C ASP B 249 -21.37 3.56 -25.04
N GLN B 250 -21.15 2.52 -24.25
CA GLN B 250 -19.79 2.02 -24.03
C GLN B 250 -19.41 1.08 -25.17
N PHE B 251 -18.11 0.89 -25.37
CA PHE B 251 -17.65 -0.02 -26.39
C PHE B 251 -16.73 -1.03 -25.73
N THR B 252 -17.19 -2.27 -25.58
CA THR B 252 -16.42 -3.26 -24.84
C THR B 252 -15.47 -4.04 -25.76
N HIS B 253 -14.17 -3.81 -25.56
CA HIS B 253 -13.14 -4.44 -26.40
C HIS B 253 -12.90 -5.88 -25.97
N MET B 254 -12.91 -6.77 -26.94
CA MET B 254 -12.59 -8.16 -26.67
C MET B 254 -11.12 -8.40 -26.98
N LEU B 255 -10.28 -8.27 -25.95
CA LEU B 255 -8.84 -8.41 -26.10
C LEU B 255 -8.35 -9.54 -25.19
N PRO B 256 -8.02 -10.69 -25.79
CA PRO B 256 -7.44 -11.81 -25.03
C PRO B 256 -6.09 -11.45 -24.45
N LEU B 257 -5.57 -12.30 -23.56
CA LEU B 257 -4.31 -12.05 -22.90
C LEU B 257 -3.11 -12.16 -23.85
N GLU B 258 -3.12 -13.20 -24.67
CA GLU B 258 -1.93 -13.67 -25.37
C GLU B 258 -1.61 -13.01 -26.71
N ASP B 259 -2.56 -12.27 -27.27
CA ASP B 259 -2.41 -11.73 -28.63
C ASP B 259 -1.16 -10.87 -28.81
N ASP B 260 -0.65 -10.84 -30.04
CA ASP B 260 0.55 -10.08 -30.39
C ASP B 260 0.24 -8.59 -30.63
N TYR B 261 -0.20 -7.89 -29.59
CA TYR B 261 -0.57 -6.49 -29.70
C TYR B 261 0.61 -5.59 -30.07
N ASN B 262 0.32 -4.54 -30.84
CA ASN B 262 1.31 -3.51 -31.12
C ASN B 262 1.04 -2.35 -30.18
N PRO B 263 2.01 -2.04 -29.32
CA PRO B 263 1.77 -0.96 -28.34
C PRO B 263 1.79 0.42 -28.98
N GLU B 264 2.38 0.54 -30.18
CA GLU B 264 2.46 1.81 -30.88
C GLU B 264 3.06 2.93 -30.03
N ASP B 265 4.12 2.60 -29.31
CA ASP B 265 4.82 3.58 -28.48
C ASP B 265 5.45 4.67 -29.34
N VAL B 266 5.66 4.39 -30.62
CA VAL B 266 6.16 5.42 -31.52
C VAL B 266 5.21 6.64 -31.54
N LEU B 267 3.94 6.41 -31.22
CA LEU B 267 2.97 7.51 -31.15
C LEU B 267 3.31 8.51 -30.03
N ASN B 268 4.23 8.13 -29.14
CA ASN B 268 4.60 9.00 -28.02
C ASN B 268 5.67 10.02 -28.37
N VAL B 269 6.25 9.86 -29.55
CA VAL B 269 7.41 10.64 -29.93
C VAL B 269 7.01 11.71 -30.93
N PHE B 270 7.53 12.91 -30.75
CA PHE B 270 7.16 13.99 -31.67
C PHE B 270 7.67 13.71 -33.07
N LYS B 271 6.81 13.97 -34.05
CA LYS B 271 7.19 13.88 -35.46
C LYS B 271 6.39 14.89 -36.26
N MET B 272 7.05 15.51 -37.24
CA MET B 272 6.42 16.48 -38.12
C MET B 272 5.26 15.82 -38.86
N ASP B 273 4.11 16.48 -38.87
CA ASP B 273 2.93 15.99 -39.58
C ASP B 273 2.62 16.90 -40.75
N PRO B 274 2.73 16.39 -41.98
CA PRO B 274 2.48 17.18 -43.19
C PRO B 274 1.02 17.63 -43.26
N ASN B 275 0.12 16.72 -42.93
CA ASN B 275 -1.31 17.03 -42.86
C ASN B 275 -1.70 17.60 -41.50
N PHE B 276 -0.79 18.33 -40.88
CA PHE B 276 -1.03 18.92 -39.56
C PHE B 276 -2.23 19.86 -39.57
N MET B 277 -2.28 20.73 -40.58
CA MET B 277 -3.41 21.62 -40.80
C MET B 277 -4.72 20.85 -40.86
N GLU B 278 -4.83 19.95 -41.83
CA GLU B 278 -6.03 19.13 -42.01
C GLU B 278 -6.39 18.38 -40.74
N ASN B 279 -5.41 17.67 -40.18
CA ASN B 279 -5.62 16.89 -38.96
C ASN B 279 -6.09 17.74 -37.78
N GLU B 280 -5.57 18.96 -37.66
CA GLU B 280 -6.02 19.87 -36.62
C GLU B 280 -7.48 20.28 -36.84
N GLU B 281 -7.80 20.77 -38.03
CA GLU B 281 -9.18 21.17 -38.31
C GLU B 281 -10.13 19.98 -38.21
N LYS B 282 -9.62 18.78 -38.49
CA LYS B 282 -10.44 17.59 -38.33
C LYS B 282 -10.83 17.36 -36.88
N TYR B 283 -9.90 17.60 -35.96
CA TYR B 283 -10.21 17.33 -34.56
C TYR B 283 -11.26 18.29 -34.01
N LYS B 284 -11.07 19.59 -34.26
CA LYS B 284 -12.02 20.58 -33.76
C LYS B 284 -13.43 20.29 -34.27
N ALA B 285 -13.53 19.63 -35.42
CA ALA B 285 -14.84 19.23 -35.95
C ALA B 285 -15.42 18.12 -35.06
N ILE B 286 -14.55 17.27 -34.53
CA ILE B 286 -14.96 16.24 -33.60
C ILE B 286 -15.36 16.87 -32.27
N LYS B 287 -14.53 17.78 -31.79
CA LYS B 287 -14.72 18.41 -30.49
C LYS B 287 -16.07 19.12 -30.41
N LYS B 288 -16.42 19.86 -31.46
CA LYS B 288 -17.68 20.56 -31.51
C LYS B 288 -18.86 19.59 -31.47
N GLU B 289 -18.62 18.36 -31.91
CA GLU B 289 -19.64 17.33 -31.95
C GLU B 289 -20.02 16.88 -30.54
N ILE B 290 -19.08 16.24 -29.85
CA ILE B 290 -19.33 15.74 -28.51
C ILE B 290 -19.18 16.83 -27.44
N LEU B 291 -18.70 17.99 -27.85
CA LEU B 291 -18.46 19.09 -26.93
C LEU B 291 -17.39 18.75 -25.90
#